data_1B99
#
_entry.id   1B99
#
_cell.length_a   70.020
_cell.length_b   105.310
_cell.length_c   70.350
_cell.angle_alpha   90.00
_cell.angle_beta   117.43
_cell.angle_gamma   90.00
#
_symmetry.space_group_name_H-M   'P 1 21 1'
#
loop_
_entity.id
_entity.type
_entity.pdbx_description
1 polymer 'PROTEIN (NUCLEOSIDE DIPHOSPHATE KINASE)'
2 non-polymer "2',3'-DIDEOXY-3'-FLUORO-URIDIDINE-5'-DIPHOSPHATE"
3 non-polymer 'PYROPHOSPHATE 2-'
4 water water
#
_entity_poly.entity_id   1
_entity_poly.type   'polypeptide(L)'
_entity_poly.pdbx_seq_one_letter_code
;MSTNKVNKERTFLAVKPDGVARGLVGEIIARYEKKGFVLVGLKQLVPTKDLAESHYAEHKERPFFGGLVSFITSGPVVAM
VFEGKGVVASARLMIGVTNPLASAPGSIRGDFGVDVGRNIIHGSDSVESANREIALWFKPEELLTEVKPNPNLYE
;
_entity_poly.pdbx_strand_id   A,B,C,D,E,F
#
loop_
_chem_comp.id
_chem_comp.type
_chem_comp.name
_chem_comp.formula
FUP non-polymer 2',3'-DIDEOXY-3'-FLUORO-URIDIDINE-5'-DIPHOSPHATE 'C9 H13 F N2 O10 P2'
POP non-polymer 'PYROPHOSPHATE 2-' 'H2 O7 P2 -2'
#
# COMPACT_ATOMS: atom_id res chain seq x y z
N VAL A 6 18.07 16.06 21.65
CA VAL A 6 19.11 15.37 20.81
C VAL A 6 18.42 14.30 19.96
N ASN A 7 19.10 13.82 18.94
CA ASN A 7 18.52 12.78 18.08
C ASN A 7 18.69 11.39 18.69
N LYS A 8 19.25 11.33 19.90
CA LYS A 8 19.45 10.10 20.63
C LYS A 8 18.28 9.89 21.61
N GLU A 9 17.14 10.50 21.32
CA GLU A 9 15.97 10.36 22.18
C GLU A 9 15.29 9.04 21.87
N ARG A 10 14.77 8.37 22.89
CA ARG A 10 14.14 7.06 22.72
C ARG A 10 12.78 6.98 23.41
N THR A 11 11.91 6.16 22.84
CA THR A 11 10.59 5.97 23.44
C THR A 11 10.26 4.49 23.44
N PHE A 12 9.29 4.11 24.25
CA PHE A 12 8.89 2.72 24.33
C PHE A 12 7.53 2.52 23.69
N LEU A 13 7.45 1.63 22.71
CA LEU A 13 6.19 1.34 22.05
C LEU A 13 5.91 -0.14 22.26
N ALA A 14 4.64 -0.51 22.28
CA ALA A 14 4.29 -1.90 22.50
C ALA A 14 2.98 -2.21 21.80
N VAL A 15 3.01 -3.19 20.89
CA VAL A 15 1.79 -3.59 20.16
C VAL A 15 1.16 -4.58 21.13
N LYS A 16 -0.06 -4.28 21.57
CA LYS A 16 -0.73 -5.11 22.56
C LYS A 16 -1.36 -6.36 21.98
N PRO A 17 -1.76 -7.32 22.83
CA PRO A 17 -2.38 -8.58 22.37
C PRO A 17 -3.34 -8.42 21.21
N ASP A 18 -4.19 -7.41 21.24
CA ASP A 18 -5.13 -7.21 20.15
C ASP A 18 -4.48 -6.79 18.85
N GLY A 19 -3.44 -5.95 18.94
CA GLY A 19 -2.77 -5.51 17.73
C GLY A 19 -2.00 -6.67 17.12
N VAL A 20 -1.38 -7.46 17.99
CA VAL A 20 -0.62 -8.64 17.60
C VAL A 20 -1.56 -9.69 17.00
N ALA A 21 -2.64 -9.99 17.71
CA ALA A 21 -3.60 -10.97 17.24
C ALA A 21 -4.26 -10.59 15.93
N ARG A 22 -4.25 -9.29 15.62
CA ARG A 22 -4.87 -8.78 14.41
C ARG A 22 -3.90 -8.59 13.23
N GLY A 23 -2.67 -9.06 13.37
CA GLY A 23 -1.69 -8.95 12.31
C GLY A 23 -1.24 -7.54 12.01
N LEU A 24 -1.16 -6.72 13.04
CA LEU A 24 -0.76 -5.32 12.88
C LEU A 24 0.68 -5.00 13.23
N VAL A 25 1.43 -5.99 13.72
CA VAL A 25 2.82 -5.76 14.10
C VAL A 25 3.70 -5.15 13.00
N GLY A 26 3.72 -5.80 11.84
CA GLY A 26 4.53 -5.32 10.73
C GLY A 26 4.14 -3.96 10.24
N GLU A 27 2.83 -3.72 10.18
CA GLU A 27 2.23 -2.46 9.72
C GLU A 27 2.67 -1.28 10.58
N ILE A 28 2.65 -1.50 11.90
CA ILE A 28 3.05 -0.50 12.87
C ILE A 28 4.55 -0.20 12.81
N ILE A 29 5.39 -1.23 12.78
CA ILE A 29 6.83 -1.01 12.70
C ILE A 29 7.21 -0.29 11.43
N ALA A 30 6.53 -0.58 10.32
CA ALA A 30 6.84 0.05 9.04
C ALA A 30 6.59 1.55 9.10
N ARG A 31 5.54 1.96 9.81
CA ARG A 31 5.21 3.37 9.93
C ARG A 31 6.33 4.14 10.59
N TYR A 32 6.95 3.54 11.61
CA TYR A 32 8.07 4.17 12.31
C TYR A 32 9.35 4.18 11.51
N GLU A 33 9.62 3.11 10.77
CA GLU A 33 10.81 3.02 9.94
C GLU A 33 10.71 4.00 8.76
N LYS A 34 9.51 4.18 8.20
CA LYS A 34 9.29 5.11 7.07
C LYS A 34 9.61 6.50 7.52
N LYS A 35 9.22 6.80 8.76
CA LYS A 35 9.42 8.09 9.38
C LYS A 35 10.89 8.41 9.57
N GLY A 36 11.71 7.41 9.86
CA GLY A 36 13.13 7.68 10.01
C GLY A 36 13.70 7.37 11.38
N PHE A 37 12.87 6.79 12.25
CA PHE A 37 13.31 6.42 13.58
C PHE A 37 14.00 5.06 13.50
N VAL A 38 14.96 4.82 14.41
CA VAL A 38 15.75 3.60 14.42
C VAL A 38 15.31 2.63 15.50
N LEU A 39 15.17 1.35 15.13
CA LEU A 39 14.73 0.29 16.03
C LEU A 39 15.93 -0.11 16.89
N VAL A 40 15.94 0.32 18.14
CA VAL A 40 17.02 0.07 19.08
C VAL A 40 16.78 -1.17 19.96
N GLY A 41 15.57 -1.70 19.91
CA GLY A 41 15.25 -2.89 20.69
C GLY A 41 13.96 -3.47 20.14
N LEU A 42 13.83 -4.80 20.15
CA LEU A 42 12.63 -5.46 19.65
C LEU A 42 12.54 -6.87 20.18
N LYS A 43 11.35 -7.25 20.65
CA LYS A 43 11.13 -8.60 21.16
C LYS A 43 9.67 -8.86 21.46
N GLN A 44 9.27 -10.12 21.40
CA GLN A 44 7.91 -10.52 21.68
C GLN A 44 7.91 -11.34 22.97
N LEU A 45 6.93 -11.10 23.82
CA LEU A 45 6.86 -11.82 25.08
C LEU A 45 5.41 -11.76 25.57
N VAL A 46 5.08 -12.58 26.57
CA VAL A 46 3.74 -12.56 27.16
C VAL A 46 4.06 -11.93 28.49
N PRO A 47 3.64 -10.66 28.69
CA PRO A 47 3.89 -9.93 29.94
C PRO A 47 3.45 -10.70 31.15
N THR A 48 4.23 -10.56 32.21
CA THR A 48 3.92 -11.22 33.44
C THR A 48 3.13 -10.22 34.28
N LYS A 49 2.30 -10.74 35.18
CA LYS A 49 1.47 -9.87 36.02
C LYS A 49 2.21 -8.66 36.62
N ASP A 50 3.38 -8.87 37.23
CA ASP A 50 4.12 -7.76 37.81
C ASP A 50 4.61 -6.74 36.77
N LEU A 51 4.99 -7.20 35.59
CA LEU A 51 5.43 -6.27 34.57
C LEU A 51 4.24 -5.38 34.16
N ALA A 52 3.08 -6.00 33.94
CA ALA A 52 1.88 -5.25 33.55
C ALA A 52 1.54 -4.18 34.61
N GLU A 53 1.50 -4.60 35.87
CA GLU A 53 1.19 -3.73 36.99
C GLU A 53 2.16 -2.56 37.15
N SER A 54 3.45 -2.85 37.21
CA SER A 54 4.44 -1.77 37.30
C SER A 54 4.13 -0.84 36.16
N HIS A 55 4.14 -1.39 34.96
CA HIS A 55 3.87 -0.65 33.75
C HIS A 55 2.70 0.33 33.84
N TYR A 56 1.58 -0.11 34.38
CA TYR A 56 0.41 0.76 34.49
C TYR A 56 0.11 1.26 35.91
N ALA A 57 1.17 1.62 36.64
CA ALA A 57 1.08 2.09 38.01
C ALA A 57 0.03 3.16 38.21
N GLU A 58 0.15 4.25 37.43
CA GLU A 58 -0.76 5.40 37.49
C GLU A 58 -2.26 5.10 37.36
N HIS A 59 -2.60 3.92 36.86
CA HIS A 59 -4.01 3.57 36.69
C HIS A 59 -4.52 2.68 37.80
N LYS A 60 -3.62 2.24 38.68
CA LYS A 60 -3.90 1.37 39.83
C LYS A 60 -5.22 1.60 40.54
N GLU A 61 -5.48 2.86 40.89
CA GLU A 61 -6.69 3.24 41.61
C GLU A 61 -7.91 3.45 40.74
N ARG A 62 -7.72 3.39 39.43
CA ARG A 62 -8.80 3.59 38.48
C ARG A 62 -9.62 2.30 38.35
N PRO A 63 -10.94 2.41 38.19
CA PRO A 63 -11.84 1.26 38.06
C PRO A 63 -11.45 0.21 37.03
N PHE A 64 -10.71 0.60 35.99
CA PHE A 64 -10.36 -0.36 34.95
C PHE A 64 -9.01 -1.04 35.05
N PHE A 65 -8.25 -0.76 36.11
CA PHE A 65 -6.93 -1.37 36.26
C PHE A 65 -7.04 -2.89 36.25
N GLY A 66 -8.18 -3.41 36.70
CA GLY A 66 -8.39 -4.84 36.74
C GLY A 66 -8.23 -5.49 35.38
N GLY A 67 -8.92 -4.94 34.37
CA GLY A 67 -8.88 -5.48 33.03
C GLY A 67 -7.66 -5.10 32.21
N LEU A 68 -7.04 -3.98 32.55
CA LEU A 68 -5.84 -3.52 31.88
C LEU A 68 -4.76 -4.57 32.12
N VAL A 69 -4.54 -4.91 33.38
CA VAL A 69 -3.52 -5.89 33.69
C VAL A 69 -3.88 -7.27 33.14
N SER A 70 -5.10 -7.73 33.42
CA SER A 70 -5.56 -9.01 32.90
C SER A 70 -5.49 -9.11 31.37
N PHE A 71 -5.57 -7.98 30.67
CA PHE A 71 -5.48 -8.03 29.22
C PHE A 71 -4.08 -8.01 28.64
N ILE A 72 -3.26 -7.07 29.09
CA ILE A 72 -1.90 -6.97 28.57
C ILE A 72 -1.15 -8.30 28.77
N THR A 73 -1.57 -9.07 29.78
CA THR A 73 -0.95 -10.36 30.10
C THR A 73 -1.72 -11.53 29.49
N SER A 74 -2.81 -11.25 28.79
CA SER A 74 -3.63 -12.30 28.19
C SER A 74 -3.04 -12.91 26.94
N GLY A 75 -2.01 -12.29 26.40
CA GLY A 75 -1.38 -12.81 25.19
C GLY A 75 -0.06 -12.12 24.92
N PRO A 76 0.62 -12.46 23.83
CA PRO A 76 1.91 -11.91 23.43
C PRO A 76 1.84 -10.43 23.11
N VAL A 77 2.92 -9.73 23.41
CA VAL A 77 3.06 -8.30 23.19
C VAL A 77 4.37 -8.15 22.46
N VAL A 78 4.42 -7.26 21.48
CA VAL A 78 5.64 -6.98 20.75
C VAL A 78 6.13 -5.63 21.27
N ALA A 79 7.11 -5.68 22.16
CA ALA A 79 7.71 -4.52 22.79
C ALA A 79 8.85 -4.05 21.90
N MET A 80 9.06 -2.74 21.81
CA MET A 80 10.10 -2.21 20.96
C MET A 80 10.51 -0.82 21.37
N VAL A 81 11.74 -0.44 21.05
CA VAL A 81 12.29 0.86 21.39
C VAL A 81 12.79 1.52 20.12
N PHE A 82 12.36 2.75 19.86
CA PHE A 82 12.81 3.50 18.69
C PHE A 82 13.58 4.73 19.13
N GLU A 83 14.60 5.09 18.36
CA GLU A 83 15.42 6.23 18.67
C GLU A 83 15.37 7.24 17.54
N GLY A 84 15.37 8.52 17.90
CA GLY A 84 15.34 9.60 16.94
C GLY A 84 14.97 10.92 17.60
N LYS A 85 15.08 12.01 16.86
CA LYS A 85 14.75 13.32 17.37
C LYS A 85 13.28 13.47 17.68
N GLY A 86 12.98 13.87 18.92
CA GLY A 86 11.61 14.06 19.34
C GLY A 86 10.72 12.88 19.07
N VAL A 87 11.26 11.68 19.26
CA VAL A 87 10.52 10.45 18.99
C VAL A 87 9.33 10.18 19.92
N VAL A 88 9.43 10.58 21.18
CA VAL A 88 8.35 10.36 22.14
C VAL A 88 7.08 11.11 21.78
N ALA A 89 7.23 12.36 21.34
CA ALA A 89 6.07 13.16 20.97
C ALA A 89 5.58 12.82 19.56
N SER A 90 6.51 12.47 18.68
CA SER A 90 6.17 12.09 17.32
C SER A 90 5.47 10.74 17.34
N ALA A 91 5.97 9.83 18.18
CA ALA A 91 5.38 8.52 18.29
C ALA A 91 3.91 8.64 18.71
N ARG A 92 3.66 9.47 19.73
CA ARG A 92 2.29 9.65 20.23
C ARG A 92 1.34 10.22 19.15
N LEU A 93 1.92 11.25 18.43
CA LEU A 93 1.16 11.94 17.40
C LEU A 93 0.71 10.92 16.35
N MET A 94 1.59 9.97 16.05
CA MET A 94 1.34 8.93 15.06
C MET A 94 0.36 7.89 15.58
N ILE A 95 0.40 7.61 16.88
CA ILE A 95 -0.52 6.65 17.46
C ILE A 95 -1.97 7.17 17.46
N GLY A 96 -2.16 8.45 17.71
CA GLY A 96 -3.51 9.00 17.74
C GLY A 96 -3.88 9.36 19.18
N VAL A 97 -5.16 9.29 19.54
CA VAL A 97 -5.54 9.63 20.91
C VAL A 97 -6.17 8.46 21.63
N THR A 98 -6.32 8.56 22.94
CA THR A 98 -6.88 7.50 23.75
C THR A 98 -8.05 6.73 23.13
N ASN A 99 -9.03 7.48 22.60
CA ASN A 99 -10.18 6.83 21.98
C ASN A 99 -9.92 6.74 20.49
N PRO A 100 -9.74 5.53 19.97
CA PRO A 100 -9.49 5.37 18.54
C PRO A 100 -10.58 5.96 17.63
N LEU A 101 -11.84 5.99 18.09
CA LEU A 101 -12.94 6.55 17.31
C LEU A 101 -12.80 8.05 17.12
N ALA A 102 -12.05 8.70 18.00
CA ALA A 102 -11.82 10.14 17.91
C ALA A 102 -10.47 10.45 17.29
N SER A 103 -9.70 9.40 16.98
CA SER A 103 -8.38 9.55 16.39
C SER A 103 -8.53 9.80 14.90
N ALA A 104 -7.72 10.71 14.40
CA ALA A 104 -7.78 11.09 13.01
C ALA A 104 -7.30 10.04 12.05
N PRO A 105 -7.89 9.99 10.85
CA PRO A 105 -7.44 9.00 9.87
C PRO A 105 -5.99 9.37 9.61
N GLY A 106 -5.15 8.36 9.43
CA GLY A 106 -3.74 8.62 9.20
C GLY A 106 -2.95 8.06 10.37
N SER A 107 -3.55 8.12 11.56
CA SER A 107 -2.92 7.63 12.78
C SER A 107 -3.20 6.13 12.94
N ILE A 108 -2.37 5.46 13.73
CA ILE A 108 -2.53 4.03 13.94
C ILE A 108 -3.92 3.73 14.52
N ARG A 109 -4.24 4.33 15.65
CA ARG A 109 -5.55 4.10 16.26
C ARG A 109 -6.68 4.61 15.37
N GLY A 110 -6.45 5.74 14.71
CA GLY A 110 -7.45 6.32 13.84
C GLY A 110 -7.82 5.41 12.68
N ASP A 111 -6.84 4.64 12.20
CA ASP A 111 -7.04 3.73 11.07
C ASP A 111 -7.52 2.33 11.40
N PHE A 112 -7.13 1.82 12.57
CA PHE A 112 -7.44 0.44 12.97
C PHE A 112 -8.20 0.19 14.23
N GLY A 113 -8.42 1.21 15.04
CA GLY A 113 -9.10 0.98 16.30
C GLY A 113 -10.50 1.48 16.40
N VAL A 114 -11.29 0.82 17.26
CA VAL A 114 -12.69 1.17 17.46
C VAL A 114 -13.06 1.27 18.94
N ASP A 115 -12.34 0.57 19.82
CA ASP A 115 -12.61 0.60 21.27
C ASP A 115 -11.39 1.09 22.08
N VAL A 116 -11.63 1.78 23.19
CA VAL A 116 -10.54 2.30 24.02
C VAL A 116 -9.83 1.19 24.81
N GLY A 117 -10.55 0.12 25.12
CA GLY A 117 -9.93 -0.97 25.84
C GLY A 117 -9.13 -1.86 24.90
N ARG A 118 -9.41 -1.73 23.60
CA ARG A 118 -8.75 -2.48 22.55
C ARG A 118 -8.13 -1.43 21.65
N ASN A 119 -7.20 -0.66 22.19
CA ASN A 119 -6.57 0.41 21.42
C ASN A 119 -5.21 0.12 20.82
N ILE A 120 -5.03 -1.11 20.38
CA ILE A 120 -3.85 -1.58 19.66
C ILE A 120 -2.43 -1.38 20.14
N ILE A 121 -2.06 -0.15 20.49
CA ILE A 121 -0.67 0.12 20.83
C ILE A 121 -0.44 1.05 22.04
N HIS A 122 0.72 0.92 22.65
CA HIS A 122 1.07 1.77 23.76
C HIS A 122 2.28 2.60 23.35
N GLY A 123 2.33 3.86 23.78
CA GLY A 123 3.46 4.72 23.48
C GLY A 123 3.75 5.51 24.74
N SER A 124 5.03 5.77 25.04
CA SER A 124 5.35 6.52 26.25
C SER A 124 4.78 7.93 26.06
N ASP A 125 4.44 8.61 27.15
CA ASP A 125 3.88 9.96 27.03
C ASP A 125 4.88 11.06 27.31
N SER A 126 6.05 10.68 27.79
CA SER A 126 7.12 11.64 28.11
C SER A 126 8.48 10.93 28.21
N VAL A 127 9.54 11.71 28.13
CA VAL A 127 10.90 11.20 28.21
C VAL A 127 11.17 10.56 29.56
N GLU A 128 10.47 11.03 30.57
CA GLU A 128 10.64 10.49 31.92
C GLU A 128 10.06 9.07 31.96
N SER A 129 8.86 8.90 31.37
CA SER A 129 8.18 7.60 31.30
C SER A 129 8.87 6.64 30.34
N ALA A 130 9.35 7.19 29.23
CA ALA A 130 10.04 6.41 28.23
C ALA A 130 11.19 5.70 28.90
N ASN A 131 12.08 6.46 29.53
CA ASN A 131 13.24 5.91 30.22
C ASN A 131 12.90 4.88 31.28
N ARG A 132 11.81 5.11 32.00
CA ARG A 132 11.38 4.19 33.03
C ARG A 132 10.93 2.89 32.41
N GLU A 133 10.07 2.98 31.41
CA GLU A 133 9.53 1.82 30.72
C GLU A 133 10.55 1.01 29.94
N ILE A 134 11.51 1.71 29.33
CA ILE A 134 12.55 1.04 28.55
C ILE A 134 13.32 0.14 29.49
N ALA A 135 13.61 0.64 30.67
CA ALA A 135 14.37 -0.10 31.68
C ALA A 135 13.52 -1.20 32.29
N LEU A 136 12.21 -1.04 32.22
CA LEU A 136 11.31 -2.03 32.78
C LEU A 136 11.20 -3.27 31.88
N TRP A 137 11.18 -3.06 30.57
CA TRP A 137 11.02 -4.14 29.61
C TRP A 137 12.29 -4.67 28.97
N PHE A 138 13.32 -3.83 28.92
CA PHE A 138 14.54 -4.23 28.26
C PHE A 138 15.75 -4.21 29.14
N LYS A 139 16.58 -5.23 28.95
CA LYS A 139 17.85 -5.39 29.65
C LYS A 139 18.82 -4.60 28.78
N PRO A 140 19.82 -3.94 29.39
CA PRO A 140 20.81 -3.16 28.64
C PRO A 140 21.42 -3.91 27.45
N GLU A 141 21.65 -5.22 27.62
CA GLU A 141 22.25 -6.04 26.56
C GLU A 141 21.36 -6.17 25.33
N GLU A 142 20.06 -5.93 25.50
CA GLU A 142 19.11 -6.06 24.40
C GLU A 142 18.88 -4.78 23.61
N LEU A 143 19.58 -3.71 23.97
CA LEU A 143 19.43 -2.43 23.30
C LEU A 143 20.71 -2.12 22.55
N LEU A 144 20.61 -1.53 21.37
CA LEU A 144 21.82 -1.15 20.62
C LEU A 144 22.47 0.12 21.19
N THR A 145 23.79 0.19 21.18
CA THR A 145 24.53 1.35 21.69
C THR A 145 24.78 2.34 20.56
N GLU A 146 25.38 1.82 19.50
CA GLU A 146 25.73 2.56 18.28
C GLU A 146 24.43 2.75 17.52
N VAL A 147 24.19 3.96 17.02
CA VAL A 147 22.96 4.17 16.28
C VAL A 147 23.13 4.30 14.76
N LYS A 148 23.84 5.31 14.27
CA LYS A 148 24.05 5.49 12.82
C LYS A 148 22.75 5.76 12.04
N PRO A 149 22.14 6.94 12.23
CA PRO A 149 20.90 7.23 11.51
C PRO A 149 21.15 7.74 10.09
N ASN A 150 20.29 7.33 9.15
CA ASN A 150 20.37 7.75 7.74
C ASN A 150 20.73 9.24 7.72
N PRO A 151 21.83 9.60 7.04
CA PRO A 151 22.28 11.01 6.96
C PRO A 151 21.34 11.97 6.21
N ASN A 152 20.37 11.41 5.50
CA ASN A 152 19.41 12.21 4.75
C ASN A 152 18.20 12.54 5.61
N LEU A 153 18.29 12.18 6.88
CA LEU A 153 17.25 12.42 7.87
C LEU A 153 17.58 13.64 8.69
N TYR A 154 18.85 13.72 9.09
CA TYR A 154 19.34 14.79 9.93
C TYR A 154 20.38 15.68 9.29
N GLU A 155 20.29 16.96 9.63
CA GLU A 155 21.18 18.00 9.13
C GLU A 155 22.43 18.06 9.99
N VAL B 6 29.21 -5.24 -13.64
CA VAL B 6 29.18 -3.82 -13.14
C VAL B 6 27.75 -3.40 -12.87
N ASN B 7 27.64 -2.48 -11.92
CA ASN B 7 26.39 -1.92 -11.42
C ASN B 7 26.13 -0.58 -12.07
N LYS B 8 26.94 -0.24 -13.07
CA LYS B 8 26.79 1.02 -13.78
C LYS B 8 25.97 0.78 -15.07
N GLU B 9 25.17 -0.29 -15.08
CA GLU B 9 24.35 -0.59 -16.25
C GLU B 9 23.09 0.28 -16.17
N ARG B 10 22.61 0.74 -17.32
CA ARG B 10 21.42 1.59 -17.43
C ARG B 10 20.44 1.05 -18.46
N THR B 11 19.17 1.43 -18.29
CA THR B 11 18.11 1.01 -19.20
C THR B 11 17.17 2.20 -19.37
N PHE B 12 16.40 2.20 -20.45
CA PHE B 12 15.44 3.26 -20.73
C PHE B 12 14.02 2.75 -20.51
N LEU B 13 13.29 3.43 -19.65
CA LEU B 13 11.90 3.09 -19.35
C LEU B 13 11.08 4.30 -19.76
N ALA B 14 9.85 4.08 -20.18
CA ALA B 14 9.00 5.19 -20.58
C ALA B 14 7.57 4.83 -20.27
N VAL B 15 6.92 5.63 -19.43
CA VAL B 15 5.53 5.39 -19.12
C VAL B 15 4.80 6.05 -20.30
N LYS B 16 4.07 5.26 -21.06
CA LYS B 16 3.37 5.76 -22.22
C LYS B 16 2.10 6.53 -21.92
N PRO B 17 1.56 7.26 -22.91
CA PRO B 17 0.32 8.05 -22.74
C PRO B 17 -0.79 7.44 -21.88
N ASP B 18 -1.06 6.14 -22.01
CA ASP B 18 -2.10 5.51 -21.22
C ASP B 18 -1.68 5.30 -19.75
N GLY B 19 -0.39 5.08 -19.53
CA GLY B 19 0.08 4.92 -18.17
C GLY B 19 0.04 6.28 -17.47
N VAL B 20 0.48 7.32 -18.18
CA VAL B 20 0.48 8.68 -17.64
C VAL B 20 -0.97 9.14 -17.39
N ALA B 21 -1.82 9.01 -18.41
CA ALA B 21 -3.23 9.39 -18.32
C ALA B 21 -4.00 8.63 -17.24
N ARG B 22 -3.49 7.47 -16.82
CA ARG B 22 -4.16 6.67 -15.81
C ARG B 22 -3.57 6.86 -14.42
N GLY B 23 -2.65 7.80 -14.29
CA GLY B 23 -2.06 8.08 -12.99
C GLY B 23 -1.16 7.01 -12.44
N LEU B 24 -0.41 6.35 -13.32
CA LEU B 24 0.49 5.28 -12.92
C LEU B 24 1.96 5.73 -12.81
N VAL B 25 2.28 6.95 -13.22
CA VAL B 25 3.68 7.41 -13.17
C VAL B 25 4.40 7.13 -11.84
N GLY B 26 3.89 7.69 -10.75
CA GLY B 26 4.50 7.50 -9.45
C GLY B 26 4.55 6.06 -8.93
N GLU B 27 3.53 5.29 -9.25
CA GLU B 27 3.45 3.88 -8.84
C GLU B 27 4.60 3.09 -9.49
N ILE B 28 4.86 3.38 -10.77
CA ILE B 28 5.91 2.75 -11.56
C ILE B 28 7.28 3.16 -11.04
N ILE B 29 7.51 4.46 -10.86
CA ILE B 29 8.79 4.93 -10.37
C ILE B 29 9.07 4.34 -8.98
N ALA B 30 8.04 4.22 -8.15
CA ALA B 30 8.19 3.68 -6.82
C ALA B 30 8.69 2.26 -6.82
N ARG B 31 8.26 1.47 -7.81
CA ARG B 31 8.66 0.07 -7.90
C ARG B 31 10.15 -0.07 -8.17
N TYR B 32 10.66 0.80 -9.02
CA TYR B 32 12.07 0.77 -9.37
C TYR B 32 12.94 1.26 -8.22
N GLU B 33 12.48 2.31 -7.53
CA GLU B 33 13.22 2.86 -6.37
C GLU B 33 13.32 1.84 -5.21
N LYS B 34 12.22 1.13 -4.95
CA LYS B 34 12.17 0.11 -3.90
C LYS B 34 13.19 -0.98 -4.18
N LYS B 35 13.32 -1.34 -5.45
CA LYS B 35 14.26 -2.37 -5.90
C LYS B 35 15.72 -2.00 -5.65
N GLY B 36 16.06 -0.73 -5.74
CA GLY B 36 17.42 -0.33 -5.48
C GLY B 36 18.09 0.39 -6.65
N PHE B 37 17.36 0.54 -7.75
CA PHE B 37 17.89 1.21 -8.92
C PHE B 37 17.85 2.73 -8.76
N VAL B 38 18.85 3.41 -9.31
CA VAL B 38 19.00 4.84 -9.23
C VAL B 38 18.52 5.56 -10.48
N LEU B 39 17.69 6.58 -10.27
CA LEU B 39 17.13 7.41 -11.33
C LEU B 39 18.21 8.34 -11.82
N VAL B 40 18.68 8.06 -13.03
CA VAL B 40 19.74 8.83 -13.65
C VAL B 40 19.24 9.95 -14.60
N GLY B 41 17.96 9.90 -14.95
CA GLY B 41 17.38 10.91 -15.83
C GLY B 41 15.89 10.77 -15.75
N LEU B 42 15.16 11.86 -15.90
CA LEU B 42 13.70 11.82 -15.80
C LEU B 42 13.17 13.08 -16.42
N LYS B 43 12.10 12.96 -17.19
CA LYS B 43 11.48 14.11 -17.85
C LYS B 43 10.14 13.70 -18.46
N GLN B 44 9.27 14.68 -18.66
CA GLN B 44 7.98 14.42 -19.30
C GLN B 44 7.97 15.25 -20.60
N LEU B 45 7.45 14.67 -21.68
CA LEU B 45 7.42 15.36 -22.97
C LEU B 45 6.39 14.68 -23.88
N VAL B 46 5.94 15.38 -24.91
CA VAL B 46 5.03 14.77 -25.87
C VAL B 46 5.98 14.42 -27.02
N PRO B 47 6.20 13.11 -27.26
CA PRO B 47 7.09 12.68 -28.34
C PRO B 47 6.72 13.25 -29.69
N THR B 48 7.73 13.47 -30.50
CA THR B 48 7.54 13.99 -31.83
C THR B 48 7.60 12.80 -32.77
N LYS B 49 6.94 12.87 -33.92
CA LYS B 49 6.89 11.77 -34.89
C LYS B 49 8.25 11.19 -35.19
N ASP B 50 9.22 12.04 -35.48
CA ASP B 50 10.58 11.58 -35.76
C ASP B 50 11.19 10.73 -34.64
N LEU B 51 10.93 11.11 -33.38
CA LEU B 51 11.44 10.39 -32.21
C LEU B 51 10.66 9.09 -32.04
N ALA B 52 9.34 9.16 -32.25
CA ALA B 52 8.52 7.96 -32.14
C ALA B 52 9.00 6.93 -33.17
N GLU B 53 9.18 7.39 -34.42
CA GLU B 53 9.65 6.57 -35.54
C GLU B 53 11.06 5.99 -35.38
N SER B 54 12.02 6.81 -34.98
CA SER B 54 13.38 6.33 -34.80
C SER B 54 13.44 5.39 -33.60
N HIS B 55 12.56 5.59 -32.61
CA HIS B 55 12.52 4.73 -31.43
C HIS B 55 11.96 3.35 -31.81
N TYR B 56 10.88 3.33 -32.58
CA TYR B 56 10.24 2.09 -33.00
C TYR B 56 10.72 1.53 -34.35
N ALA B 57 11.89 2.00 -34.77
CA ALA B 57 12.55 1.59 -36.02
C ALA B 57 12.45 0.10 -36.36
N GLU B 58 12.83 -0.78 -35.44
CA GLU B 58 12.78 -2.22 -35.71
C GLU B 58 11.42 -2.76 -36.21
N HIS B 59 10.36 -1.96 -36.08
CA HIS B 59 9.03 -2.36 -36.47
C HIS B 59 8.51 -1.56 -37.63
N LYS B 60 9.34 -0.73 -38.24
CA LYS B 60 8.87 0.11 -39.35
C LYS B 60 8.30 -0.68 -40.50
N GLU B 61 8.67 -1.96 -40.58
CA GLU B 61 8.18 -2.83 -41.63
C GLU B 61 6.93 -3.58 -41.19
N ARG B 62 6.62 -3.53 -39.90
CA ARG B 62 5.45 -4.20 -39.35
C ARG B 62 4.15 -3.41 -39.54
N PRO B 63 3.01 -4.11 -39.58
CA PRO B 63 1.68 -3.51 -39.77
C PRO B 63 1.35 -2.44 -38.72
N PHE B 64 1.47 -2.85 -37.46
CA PHE B 64 1.17 -2.01 -36.31
C PHE B 64 2.05 -0.78 -36.08
N PHE B 65 3.17 -0.69 -36.79
CA PHE B 65 4.08 0.44 -36.62
C PHE B 65 3.35 1.77 -36.64
N GLY B 66 2.50 1.97 -37.65
CA GLY B 66 1.75 3.22 -37.78
C GLY B 66 0.97 3.64 -36.55
N GLY B 67 0.39 2.65 -35.87
CA GLY B 67 -0.38 2.88 -34.65
C GLY B 67 0.52 3.11 -33.46
N LEU B 68 1.71 2.50 -33.47
CA LEU B 68 2.68 2.67 -32.40
C LEU B 68 3.13 4.15 -32.35
N VAL B 69 3.58 4.64 -33.50
CA VAL B 69 4.05 6.01 -33.62
C VAL B 69 2.92 7.03 -33.40
N SER B 70 1.69 6.67 -33.77
CA SER B 70 0.57 7.59 -33.60
C SER B 70 0.20 7.75 -32.14
N PHE B 71 0.24 6.62 -31.43
CA PHE B 71 -0.14 6.60 -30.01
C PHE B 71 0.88 7.23 -29.08
N ILE B 72 2.13 6.84 -29.23
CA ILE B 72 3.18 7.35 -28.38
C ILE B 72 3.31 8.86 -28.51
N THR B 73 2.86 9.40 -29.63
CA THR B 73 2.89 10.85 -29.88
C THR B 73 1.52 11.49 -29.64
N SER B 74 0.54 10.71 -29.17
CA SER B 74 -0.81 11.21 -28.89
C SER B 74 -0.93 11.93 -27.55
N GLY B 75 0.10 11.84 -26.72
CA GLY B 75 0.04 12.49 -25.43
C GLY B 75 1.39 12.47 -24.80
N PRO B 76 1.52 12.99 -23.57
CA PRO B 76 2.77 13.05 -22.80
C PRO B 76 3.27 11.68 -22.37
N VAL B 77 4.58 11.54 -22.38
CA VAL B 77 5.28 10.33 -21.99
C VAL B 77 6.28 10.78 -20.91
N VAL B 78 6.47 9.93 -19.91
CA VAL B 78 7.42 10.21 -18.87
C VAL B 78 8.57 9.25 -19.13
N ALA B 79 9.63 9.78 -19.73
CA ALA B 79 10.81 9.03 -20.06
C ALA B 79 11.72 9.08 -18.85
N MET B 80 12.45 8.00 -18.61
CA MET B 80 13.35 7.92 -17.46
C MET B 80 14.46 6.89 -17.67
N VAL B 81 15.56 7.06 -16.96
CA VAL B 81 16.72 6.16 -17.05
C VAL B 81 17.11 5.68 -15.66
N PHE B 82 17.15 4.37 -15.46
CA PHE B 82 17.53 3.82 -14.16
C PHE B 82 18.87 3.11 -14.27
N GLU B 83 19.69 3.19 -13.23
CA GLU B 83 21.00 2.57 -13.23
C GLU B 83 21.09 1.55 -12.12
N GLY B 84 21.80 0.45 -12.41
CA GLY B 84 21.96 -0.62 -11.45
C GLY B 84 22.45 -1.92 -12.06
N LYS B 85 22.74 -2.87 -11.19
CA LYS B 85 23.23 -4.16 -11.63
C LYS B 85 22.14 -4.92 -12.34
N GLY B 86 22.40 -5.28 -13.59
CA GLY B 86 21.46 -6.03 -14.40
C GLY B 86 20.10 -5.38 -14.48
N VAL B 87 20.09 -4.06 -14.59
CA VAL B 87 18.84 -3.32 -14.65
C VAL B 87 18.00 -3.55 -15.92
N VAL B 88 18.64 -3.77 -17.05
CA VAL B 88 17.87 -4.00 -18.28
C VAL B 88 16.99 -5.25 -18.16
N ALA B 89 17.56 -6.36 -17.70
CA ALA B 89 16.82 -7.61 -17.56
C ALA B 89 15.83 -7.58 -16.40
N SER B 90 16.24 -6.95 -15.30
CA SER B 90 15.36 -6.83 -14.15
C SER B 90 14.19 -5.90 -14.48
N ALA B 91 14.45 -4.82 -15.20
CA ALA B 91 13.40 -3.89 -15.57
C ALA B 91 12.32 -4.62 -16.34
N ARG B 92 12.72 -5.39 -17.33
CA ARG B 92 11.77 -6.13 -18.15
C ARG B 92 11.04 -7.23 -17.38
N LEU B 93 11.72 -7.84 -16.42
CA LEU B 93 11.10 -8.91 -15.61
C LEU B 93 9.97 -8.30 -14.77
N MET B 94 10.19 -7.06 -14.32
CA MET B 94 9.23 -6.32 -13.52
C MET B 94 8.08 -5.81 -14.35
N ILE B 95 8.38 -5.42 -15.58
CA ILE B 95 7.35 -4.92 -16.49
C ILE B 95 6.34 -6.01 -16.85
N GLY B 96 6.83 -7.21 -17.12
CA GLY B 96 5.96 -8.32 -17.48
C GLY B 96 6.21 -8.72 -18.93
N VAL B 97 5.20 -9.26 -19.59
CA VAL B 97 5.34 -9.67 -20.98
C VAL B 97 4.48 -8.80 -21.88
N THR B 98 4.75 -8.84 -23.18
CA THR B 98 4.03 -8.06 -24.18
C THR B 98 2.51 -7.95 -23.98
N ASN B 99 1.88 -9.08 -23.65
CA ASN B 99 0.44 -9.07 -23.43
C ASN B 99 0.17 -9.03 -21.93
N PRO B 100 -0.29 -7.88 -21.42
CA PRO B 100 -0.58 -7.74 -20.01
C PRO B 100 -1.53 -8.81 -19.44
N LEU B 101 -2.42 -9.35 -20.26
CA LEU B 101 -3.34 -10.39 -19.75
C LEU B 101 -2.61 -11.69 -19.44
N ALA B 102 -1.40 -11.84 -20.00
CA ALA B 102 -0.61 -13.04 -19.77
C ALA B 102 0.52 -12.74 -18.81
N SER B 103 0.56 -11.51 -18.31
CA SER B 103 1.59 -11.10 -17.37
C SER B 103 1.17 -11.52 -15.98
N ALA B 104 2.11 -12.08 -15.24
CA ALA B 104 1.83 -12.58 -13.91
C ALA B 104 1.53 -11.46 -12.92
N PRO B 105 0.72 -11.77 -11.91
CA PRO B 105 0.42 -10.73 -10.93
C PRO B 105 1.76 -10.37 -10.27
N GLY B 106 1.93 -9.11 -9.91
CA GLY B 106 3.16 -8.71 -9.27
C GLY B 106 3.93 -7.79 -10.17
N SER B 107 3.78 -7.98 -11.47
CA SER B 107 4.47 -7.16 -12.47
C SER B 107 3.60 -5.96 -12.82
N ILE B 108 4.20 -4.95 -13.44
CA ILE B 108 3.44 -3.74 -13.79
C ILE B 108 2.27 -4.08 -14.73
N ARG B 109 2.56 -4.64 -15.91
CA ARG B 109 1.48 -5.00 -16.83
C ARG B 109 0.56 -6.03 -16.23
N GLY B 110 1.11 -6.96 -15.48
CA GLY B 110 0.26 -7.98 -14.88
C GLY B 110 -0.78 -7.39 -13.93
N ASP B 111 -0.43 -6.31 -13.24
CA ASP B 111 -1.31 -5.66 -12.27
C ASP B 111 -2.22 -4.57 -12.83
N PHE B 112 -1.78 -3.91 -13.90
CA PHE B 112 -2.55 -2.81 -14.45
C PHE B 112 -2.97 -2.85 -15.90
N GLY B 113 -2.42 -3.79 -16.66
CA GLY B 113 -2.73 -3.87 -18.10
C GLY B 113 -3.71 -4.94 -18.54
N VAL B 114 -4.44 -4.65 -19.62
CA VAL B 114 -5.44 -5.58 -20.17
C VAL B 114 -5.35 -5.69 -21.70
N ASP B 115 -4.75 -4.70 -22.36
CA ASP B 115 -4.61 -4.75 -23.83
C ASP B 115 -3.15 -4.55 -24.26
N VAL B 116 -2.75 -5.25 -25.32
CA VAL B 116 -1.37 -5.17 -25.84
C VAL B 116 -1.01 -3.79 -26.41
N GLY B 117 -2.02 -3.10 -26.94
CA GLY B 117 -1.82 -1.78 -27.53
C GLY B 117 -1.78 -0.71 -26.47
N ARG B 118 -2.34 -1.04 -25.32
CA ARG B 118 -2.37 -0.14 -24.17
C ARG B 118 -1.61 -0.87 -23.08
N ASN B 119 -0.31 -1.11 -23.29
CA ASN B 119 0.44 -1.83 -22.28
C ASN B 119 1.34 -1.01 -21.38
N ILE B 120 0.81 0.14 -20.95
CA ILE B 120 1.45 1.05 -19.99
C ILE B 120 2.89 1.55 -20.07
N ILE B 121 3.85 0.66 -20.24
CA ILE B 121 5.25 1.07 -20.20
C ILE B 121 6.15 0.43 -21.25
N HIS B 122 7.30 1.06 -21.52
CA HIS B 122 8.28 0.53 -22.45
C HIS B 122 9.61 0.31 -21.68
N GLY B 123 10.28 -0.80 -21.94
CA GLY B 123 11.55 -1.08 -21.30
C GLY B 123 12.51 -1.56 -22.38
N SER B 124 13.77 -1.15 -22.32
CA SER B 124 14.74 -1.59 -23.32
C SER B 124 14.85 -3.10 -23.20
N ASP B 125 15.07 -3.81 -24.31
CA ASP B 125 15.17 -5.27 -24.25
C ASP B 125 16.57 -5.82 -24.14
N SER B 126 17.56 -4.95 -24.24
CA SER B 126 18.96 -5.34 -24.14
C SER B 126 19.85 -4.10 -23.98
N VAL B 127 21.06 -4.33 -23.49
CA VAL B 127 21.99 -3.22 -23.28
C VAL B 127 22.28 -2.45 -24.56
N GLU B 128 22.28 -3.12 -25.69
CA GLU B 128 22.56 -2.45 -26.96
C GLU B 128 21.44 -1.46 -27.30
N SER B 129 20.21 -1.86 -27.01
CA SER B 129 19.04 -1.03 -27.30
C SER B 129 18.94 0.06 -26.24
N ALA B 130 19.26 -0.30 -25.00
CA ALA B 130 19.21 0.65 -23.89
C ALA B 130 20.08 1.84 -24.26
N ASN B 131 21.34 1.56 -24.59
CA ASN B 131 22.28 2.61 -24.98
C ASN B 131 21.79 3.49 -26.13
N ARG B 132 21.13 2.87 -27.10
CA ARG B 132 20.63 3.58 -28.28
C ARG B 132 19.51 4.53 -27.90
N GLU B 133 18.50 3.99 -27.23
CA GLU B 133 17.35 4.74 -26.78
C GLU B 133 17.72 5.88 -25.82
N ILE B 134 18.54 5.59 -24.81
CA ILE B 134 18.94 6.61 -23.86
C ILE B 134 19.49 7.83 -24.60
N ALA B 135 20.30 7.58 -25.63
CA ALA B 135 20.88 8.67 -26.42
C ALA B 135 19.86 9.33 -27.34
N LEU B 136 18.77 8.61 -27.64
CA LEU B 136 17.71 9.11 -28.50
C LEU B 136 16.81 10.10 -27.72
N TRP B 137 16.51 9.74 -26.48
CA TRP B 137 15.65 10.57 -25.64
C TRP B 137 16.35 11.57 -24.70
N PHE B 138 17.57 11.27 -24.28
CA PHE B 138 18.25 12.16 -23.36
C PHE B 138 19.54 12.75 -23.90
N LYS B 139 19.76 14.01 -23.55
CA LYS B 139 20.96 14.73 -23.94
C LYS B 139 21.89 14.41 -22.78
N PRO B 140 23.20 14.36 -23.04
CA PRO B 140 24.17 14.05 -21.97
C PRO B 140 24.04 14.91 -20.70
N GLU B 141 23.70 16.19 -20.88
CA GLU B 141 23.54 17.13 -19.76
C GLU B 141 22.36 16.80 -18.84
N GLU B 142 21.45 15.95 -19.32
CA GLU B 142 20.28 15.55 -18.56
C GLU B 142 20.43 14.28 -17.74
N LEU B 143 21.58 13.61 -17.89
CA LEU B 143 21.86 12.37 -17.17
C LEU B 143 22.89 12.61 -16.06
N LEU B 144 22.61 12.12 -14.87
CA LEU B 144 23.55 12.28 -13.77
C LEU B 144 24.79 11.48 -14.06
N THR B 145 25.94 12.03 -13.67
CA THR B 145 27.24 11.38 -13.85
C THR B 145 27.64 10.68 -12.55
N GLU B 146 27.51 11.42 -11.46
CA GLU B 146 27.82 10.91 -10.13
C GLU B 146 26.57 10.23 -9.63
N VAL B 147 26.53 8.91 -9.80
CA VAL B 147 25.39 8.10 -9.38
C VAL B 147 25.43 7.70 -7.92
N LYS B 148 26.37 6.82 -7.53
CA LYS B 148 26.49 6.37 -6.13
C LYS B 148 25.19 5.87 -5.41
N PRO B 149 24.94 4.54 -5.44
CA PRO B 149 23.76 3.94 -4.80
C PRO B 149 23.95 3.55 -3.32
N ASN B 150 22.84 3.19 -2.68
CA ASN B 150 22.79 2.73 -1.30
C ASN B 150 23.81 1.57 -1.06
N PRO B 151 24.72 1.73 -0.10
CA PRO B 151 25.73 0.69 0.18
C PRO B 151 25.17 -0.64 0.70
N ASN B 152 23.90 -0.64 1.07
CA ASN B 152 23.23 -1.84 1.57
C ASN B 152 22.63 -2.65 0.44
N LEU B 153 22.84 -2.17 -0.78
CA LEU B 153 22.35 -2.85 -1.97
C LEU B 153 23.43 -3.71 -2.58
N TYR B 154 24.65 -3.18 -2.58
CA TYR B 154 25.77 -3.87 -3.19
C TYR B 154 26.87 -4.26 -2.24
N GLU B 155 27.46 -5.42 -2.52
CA GLU B 155 28.55 -5.99 -1.74
C GLU B 155 29.83 -5.36 -2.27
N VAL C 6 -13.34 -10.12 -27.86
CA VAL C 6 -14.29 -9.05 -27.43
C VAL C 6 -14.00 -8.73 -25.96
N ASN C 7 -14.22 -7.46 -25.59
CA ASN C 7 -13.98 -6.96 -24.24
C ASN C 7 -15.23 -7.00 -23.37
N LYS C 8 -16.28 -7.62 -23.88
CA LYS C 8 -17.54 -7.74 -23.17
C LYS C 8 -17.63 -9.10 -22.50
N GLU C 9 -16.47 -9.68 -22.21
CA GLU C 9 -16.43 -10.99 -21.54
C GLU C 9 -16.59 -10.78 -20.05
N ARG C 10 -17.31 -11.68 -19.40
CA ARG C 10 -17.58 -11.58 -17.98
C ARG C 10 -17.24 -12.87 -17.24
N THR C 11 -16.95 -12.74 -15.95
CA THR C 11 -16.63 -13.88 -15.11
C THR C 11 -17.30 -13.66 -13.78
N PHE C 12 -17.46 -14.74 -13.02
CA PHE C 12 -18.10 -14.65 -11.72
C PHE C 12 -17.09 -14.88 -10.59
N LEU C 13 -16.91 -13.89 -9.71
CA LEU C 13 -15.99 -14.05 -8.59
C LEU C 13 -16.81 -14.03 -7.33
N ALA C 14 -16.34 -14.69 -6.28
CA ALA C 14 -17.07 -14.68 -5.03
C ALA C 14 -16.10 -14.75 -3.86
N VAL C 15 -16.07 -13.72 -3.01
CA VAL C 15 -15.21 -13.74 -1.82
C VAL C 15 -15.99 -14.63 -0.84
N LYS C 16 -15.40 -15.74 -0.43
CA LYS C 16 -16.08 -16.68 0.45
C LYS C 16 -16.07 -16.29 1.93
N PRO C 17 -16.90 -16.93 2.76
CA PRO C 17 -16.99 -16.62 4.20
C PRO C 17 -15.69 -16.26 4.89
N ASP C 18 -14.63 -17.00 4.58
CA ASP C 18 -13.35 -16.74 5.22
C ASP C 18 -12.69 -15.47 4.70
N GLY C 19 -12.87 -15.19 3.40
CA GLY C 19 -12.28 -13.98 2.84
C GLY C 19 -13.00 -12.77 3.38
N VAL C 20 -14.32 -12.89 3.54
CA VAL C 20 -15.18 -11.84 4.07
C VAL C 20 -14.91 -11.62 5.55
N ALA C 21 -14.86 -12.72 6.31
CA ALA C 21 -14.61 -12.63 7.75
C ALA C 21 -13.21 -12.14 8.07
N ARG C 22 -12.32 -12.15 7.08
CA ARG C 22 -10.96 -11.69 7.32
C ARG C 22 -10.74 -10.27 6.81
N GLY C 23 -11.80 -9.60 6.39
CA GLY C 23 -11.66 -8.25 5.91
C GLY C 23 -10.91 -8.12 4.61
N LEU C 24 -11.07 -9.13 3.73
CA LEU C 24 -10.39 -9.11 2.44
C LEU C 24 -11.22 -8.63 1.27
N VAL C 25 -12.50 -8.35 1.51
CA VAL C 25 -13.38 -7.88 0.44
C VAL C 25 -12.83 -6.72 -0.40
N GLY C 26 -12.60 -5.57 0.23
CA GLY C 26 -12.09 -4.41 -0.49
C GLY C 26 -10.77 -4.60 -1.18
N GLU C 27 -9.87 -5.36 -0.56
CA GLU C 27 -8.55 -5.64 -1.12
C GLU C 27 -8.66 -6.37 -2.46
N ILE C 28 -9.53 -7.36 -2.50
CA ILE C 28 -9.77 -8.15 -3.69
C ILE C 28 -10.45 -7.31 -4.78
N ILE C 29 -11.50 -6.57 -4.44
CA ILE C 29 -12.14 -5.72 -5.42
C ILE C 29 -11.13 -4.75 -6.01
N ALA C 30 -10.35 -4.10 -5.17
CA ALA C 30 -9.34 -3.14 -5.64
C ALA C 30 -8.37 -3.73 -6.65
N ARG C 31 -7.96 -4.99 -6.45
CA ARG C 31 -7.02 -5.65 -7.37
C ARG C 31 -7.58 -5.70 -8.77
N TYR C 32 -8.87 -6.01 -8.89
CA TYR C 32 -9.53 -6.11 -10.18
C TYR C 32 -9.78 -4.75 -10.81
N GLU C 33 -10.12 -3.76 -9.98
CA GLU C 33 -10.36 -2.41 -10.46
C GLU C 33 -9.08 -1.80 -11.03
N LYS C 34 -7.95 -2.03 -10.36
CA LYS C 34 -6.66 -1.50 -10.81
C LYS C 34 -6.25 -2.10 -12.16
N LYS C 35 -6.67 -3.35 -12.38
CA LYS C 35 -6.37 -4.10 -13.59
C LYS C 35 -7.08 -3.54 -14.83
N GLY C 36 -8.25 -2.96 -14.64
CA GLY C 36 -8.98 -2.39 -15.75
C GLY C 36 -10.32 -3.03 -16.03
N PHE C 37 -10.74 -3.96 -15.17
CA PHE C 37 -12.01 -4.64 -15.34
C PHE C 37 -13.15 -3.85 -14.69
N VAL C 38 -14.33 -3.93 -15.30
CA VAL C 38 -15.50 -3.22 -14.81
C VAL C 38 -16.46 -4.09 -13.99
N LEU C 39 -16.82 -3.58 -12.81
CA LEU C 39 -17.73 -4.22 -11.87
C LEU C 39 -19.15 -4.09 -12.44
N VAL C 40 -19.66 -5.19 -12.98
CA VAL C 40 -20.98 -5.23 -13.61
C VAL C 40 -22.07 -5.66 -12.64
N GLY C 41 -21.68 -6.25 -11.53
CA GLY C 41 -22.65 -6.70 -10.54
C GLY C 41 -21.95 -6.88 -9.22
N LEU C 42 -22.63 -6.60 -8.11
CA LEU C 42 -22.02 -6.73 -6.79
C LEU C 42 -23.06 -6.86 -5.69
N LYS C 43 -22.93 -7.86 -4.84
CA LYS C 43 -23.87 -8.01 -3.75
C LYS C 43 -23.36 -8.96 -2.68
N GLN C 44 -23.82 -8.79 -1.45
CA GLN C 44 -23.44 -9.65 -0.35
C GLN C 44 -24.69 -10.42 0.04
N LEU C 45 -24.54 -11.71 0.34
CA LEU C 45 -25.66 -12.58 0.71
C LEU C 45 -25.13 -13.80 1.42
N VAL C 46 -26.02 -14.53 2.10
CA VAL C 46 -25.63 -15.77 2.76
C VAL C 46 -26.22 -16.81 1.84
N PRO C 47 -25.38 -17.58 1.12
CA PRO C 47 -25.86 -18.60 0.19
C PRO C 47 -26.75 -19.67 0.80
N THR C 48 -27.80 -20.05 0.08
CA THR C 48 -28.72 -21.10 0.52
C THR C 48 -28.20 -22.45 -0.04
N LYS C 49 -28.51 -23.55 0.64
CA LYS C 49 -28.04 -24.88 0.23
C LYS C 49 -28.24 -25.14 -1.25
N ASP C 50 -29.45 -24.88 -1.74
CA ASP C 50 -29.80 -25.11 -3.14
C ASP C 50 -28.82 -24.40 -4.08
N LEU C 51 -28.45 -23.18 -3.73
CA LEU C 51 -27.53 -22.38 -4.52
C LEU C 51 -26.08 -22.90 -4.35
N ALA C 52 -25.72 -23.34 -3.15
CA ALA C 52 -24.39 -23.87 -2.89
C ALA C 52 -24.21 -25.15 -3.71
N GLU C 53 -25.21 -26.02 -3.64
CA GLU C 53 -25.21 -27.28 -4.37
C GLU C 53 -25.20 -27.08 -5.88
N SER C 54 -26.06 -26.20 -6.38
CA SER C 54 -26.11 -25.94 -7.80
C SER C 54 -24.74 -25.41 -8.22
N HIS C 55 -24.24 -24.45 -7.47
CA HIS C 55 -22.92 -23.89 -7.76
C HIS C 55 -21.79 -24.93 -7.85
N TYR C 56 -21.75 -25.86 -6.91
CA TYR C 56 -20.71 -26.90 -6.87
C TYR C 56 -21.14 -28.23 -7.47
N ALA C 57 -22.08 -28.16 -8.41
CA ALA C 57 -22.62 -29.35 -9.05
C ALA C 57 -21.56 -30.33 -9.52
N GLU C 58 -20.55 -29.84 -10.24
CA GLU C 58 -19.48 -30.72 -10.75
C GLU C 58 -18.74 -31.54 -9.67
N HIS C 59 -18.90 -31.19 -8.40
CA HIS C 59 -18.23 -31.92 -7.33
C HIS C 59 -19.23 -32.73 -6.51
N LYS C 60 -20.50 -32.75 -6.92
CA LYS C 60 -21.56 -33.48 -6.20
C LYS C 60 -21.20 -34.90 -5.82
N GLU C 61 -20.34 -35.52 -6.62
CA GLU C 61 -19.93 -36.89 -6.36
C GLU C 61 -18.58 -37.06 -5.64
N ARG C 62 -17.91 -35.95 -5.37
CA ARG C 62 -16.62 -35.98 -4.68
C ARG C 62 -16.82 -35.98 -3.16
N PRO C 63 -15.84 -36.46 -2.40
CA PRO C 63 -15.94 -36.52 -0.93
C PRO C 63 -16.20 -35.16 -0.28
N PHE C 64 -15.35 -34.19 -0.63
CA PHE C 64 -15.44 -32.84 -0.08
C PHE C 64 -16.68 -31.99 -0.39
N PHE C 65 -17.49 -32.41 -1.37
CA PHE C 65 -18.70 -31.64 -1.75
C PHE C 65 -19.49 -31.23 -0.52
N GLY C 66 -19.68 -32.18 0.40
CA GLY C 66 -20.40 -31.92 1.63
C GLY C 66 -19.86 -30.73 2.41
N GLY C 67 -18.54 -30.68 2.58
CA GLY C 67 -17.91 -29.58 3.31
C GLY C 67 -17.96 -28.27 2.56
N LEU C 68 -17.93 -28.32 1.23
CA LEU C 68 -18.00 -27.14 0.36
C LEU C 68 -19.33 -26.47 0.51
N VAL C 69 -20.38 -27.25 0.37
CA VAL C 69 -21.74 -26.75 0.49
C VAL C 69 -22.04 -26.22 1.89
N SER C 70 -21.46 -26.85 2.91
CA SER C 70 -21.64 -26.48 4.30
C SER C 70 -20.96 -25.15 4.65
N PHE C 71 -19.75 -24.97 4.15
CA PHE C 71 -18.99 -23.76 4.41
C PHE C 71 -19.44 -22.53 3.62
N ILE C 72 -19.71 -22.69 2.34
CA ILE C 72 -20.11 -21.54 1.54
C ILE C 72 -21.43 -20.98 2.04
N THR C 73 -22.18 -21.78 2.79
CA THR C 73 -23.46 -21.34 3.33
C THR C 73 -23.32 -21.03 4.81
N SER C 74 -22.11 -21.12 5.35
CA SER C 74 -21.89 -20.86 6.77
C SER C 74 -21.82 -19.37 7.11
N GLY C 75 -21.81 -18.52 6.10
CA GLY C 75 -21.73 -17.11 6.37
C GLY C 75 -21.94 -16.34 5.10
N PRO C 76 -21.81 -15.00 5.15
CA PRO C 76 -21.96 -14.10 4.00
C PRO C 76 -20.89 -14.26 2.92
N VAL C 77 -21.30 -14.08 1.68
CA VAL C 77 -20.43 -14.20 0.51
C VAL C 77 -20.63 -12.91 -0.27
N VAL C 78 -19.55 -12.36 -0.81
CA VAL C 78 -19.65 -11.13 -1.59
C VAL C 78 -19.48 -11.59 -3.04
N ALA C 79 -20.61 -11.77 -3.71
CA ALA C 79 -20.66 -12.22 -5.10
C ALA C 79 -20.46 -11.01 -5.97
N MET C 80 -19.78 -11.18 -7.10
CA MET C 80 -19.51 -10.06 -8.00
C MET C 80 -19.20 -10.53 -9.42
N VAL C 81 -19.46 -9.67 -10.39
CA VAL C 81 -19.26 -9.95 -11.81
C VAL C 81 -18.39 -8.86 -12.43
N PHE C 82 -17.26 -9.24 -13.02
CA PHE C 82 -16.38 -8.27 -13.67
C PHE C 82 -16.37 -8.51 -15.17
N GLU C 83 -16.29 -7.42 -15.93
CA GLU C 83 -16.27 -7.49 -17.38
C GLU C 83 -15.01 -6.89 -17.94
N GLY C 84 -14.51 -7.47 -19.04
CA GLY C 84 -13.31 -6.99 -19.68
C GLY C 84 -12.75 -8.06 -20.59
N LYS C 85 -11.69 -7.69 -21.33
CA LYS C 85 -11.07 -8.61 -22.25
C LYS C 85 -10.38 -9.75 -21.51
N GLY C 86 -10.71 -10.97 -21.88
CA GLY C 86 -10.12 -12.15 -21.28
C GLY C 86 -10.15 -12.17 -19.77
N VAL C 87 -11.22 -11.63 -19.20
CA VAL C 87 -11.35 -11.56 -17.76
C VAL C 87 -11.39 -12.92 -17.06
N VAL C 88 -12.03 -13.92 -17.67
CA VAL C 88 -12.10 -15.23 -17.03
C VAL C 88 -10.71 -15.85 -16.71
N ALA C 89 -9.80 -15.85 -17.69
CA ALA C 89 -8.45 -16.38 -17.52
C ALA C 89 -7.57 -15.44 -16.70
N SER C 90 -7.76 -14.13 -16.86
CA SER C 90 -6.96 -13.18 -16.10
C SER C 90 -7.38 -13.24 -14.62
N ALA C 91 -8.68 -13.32 -14.36
CA ALA C 91 -9.19 -13.41 -13.00
C ALA C 91 -8.56 -14.60 -12.29
N ARG C 92 -8.53 -15.75 -12.96
CA ARG C 92 -7.96 -16.96 -12.39
C ARG C 92 -6.45 -16.89 -12.19
N LEU C 93 -5.78 -16.24 -13.12
CA LEU C 93 -4.34 -16.06 -13.04
C LEU C 93 -4.03 -15.23 -11.80
N MET C 94 -4.87 -14.23 -11.55
CA MET C 94 -4.72 -13.33 -10.41
C MET C 94 -5.07 -14.00 -9.09
N ILE C 95 -6.05 -14.90 -9.11
CA ILE C 95 -6.46 -15.64 -7.93
C ILE C 95 -5.32 -16.54 -7.43
N GLY C 96 -4.73 -17.29 -8.34
CA GLY C 96 -3.65 -18.21 -7.99
C GLY C 96 -4.10 -19.63 -8.29
N VAL C 97 -3.56 -20.62 -7.60
CA VAL C 97 -3.97 -22.00 -7.83
C VAL C 97 -4.74 -22.59 -6.65
N THR C 98 -5.37 -23.75 -6.87
CA THR C 98 -6.16 -24.44 -5.85
C THR C 98 -5.56 -24.40 -4.44
N ASN C 99 -4.29 -24.73 -4.32
CA ASN C 99 -3.60 -24.71 -3.03
C ASN C 99 -2.87 -23.39 -2.85
N PRO C 100 -3.35 -22.54 -1.93
CA PRO C 100 -2.73 -21.25 -1.68
C PRO C 100 -1.27 -21.31 -1.34
N LEU C 101 -0.86 -22.39 -0.69
CA LEU C 101 0.54 -22.56 -0.32
C LEU C 101 1.43 -22.68 -1.54
N ALA C 102 0.86 -23.15 -2.65
CA ALA C 102 1.62 -23.30 -3.88
C ALA C 102 1.38 -22.14 -4.83
N SER C 103 0.55 -21.19 -4.40
CA SER C 103 0.26 -20.03 -5.21
C SER C 103 1.40 -19.03 -5.04
N ALA C 104 1.79 -18.42 -6.15
CA ALA C 104 2.90 -17.47 -6.20
C ALA C 104 2.59 -16.18 -5.51
N PRO C 105 3.63 -15.54 -4.92
CA PRO C 105 3.42 -14.26 -4.25
C PRO C 105 2.95 -13.31 -5.34
N GLY C 106 1.95 -12.50 -5.05
CA GLY C 106 1.44 -11.55 -6.03
C GLY C 106 -0.02 -11.87 -6.27
N SER C 107 -0.35 -13.15 -6.20
CA SER C 107 -1.73 -13.63 -6.39
C SER C 107 -2.53 -13.52 -5.08
N ILE C 108 -3.84 -13.47 -5.20
CA ILE C 108 -4.68 -13.34 -4.02
C ILE C 108 -4.38 -14.48 -3.05
N ARG C 109 -4.56 -15.72 -3.49
CA ARG C 109 -4.29 -16.90 -2.66
C ARG C 109 -2.83 -16.98 -2.22
N GLY C 110 -1.93 -16.58 -3.11
CA GLY C 110 -0.52 -16.60 -2.78
C GLY C 110 -0.14 -15.68 -1.63
N ASP C 111 -0.84 -14.53 -1.53
CA ASP C 111 -0.60 -13.52 -0.50
C ASP C 111 -1.34 -13.70 0.81
N PHE C 112 -2.55 -14.23 0.75
CA PHE C 112 -3.39 -14.38 1.94
C PHE C 112 -3.87 -15.78 2.33
N GLY C 113 -3.69 -16.78 1.47
CA GLY C 113 -4.19 -18.11 1.79
C GLY C 113 -3.19 -19.14 2.24
N VAL C 114 -3.60 -20.05 3.12
CA VAL C 114 -2.72 -21.11 3.63
C VAL C 114 -3.35 -22.52 3.55
N ASP C 115 -4.67 -22.61 3.49
CA ASP C 115 -5.36 -23.90 3.42
C ASP C 115 -6.23 -23.96 2.15
N VAL C 116 -6.36 -25.16 1.57
CA VAL C 116 -7.16 -25.34 0.36
C VAL C 116 -8.66 -25.23 0.66
N GLY C 117 -9.05 -25.56 1.89
CA GLY C 117 -10.45 -25.50 2.27
C GLY C 117 -10.86 -24.09 2.60
N ARG C 118 -9.86 -23.29 2.95
CA ARG C 118 -10.05 -21.88 3.28
C ARG C 118 -9.23 -21.09 2.26
N ASN C 119 -9.62 -21.19 0.99
CA ASN C 119 -8.88 -20.50 -0.07
C ASN C 119 -9.47 -19.19 -0.56
N ILE C 120 -10.10 -18.47 0.37
CA ILE C 120 -10.64 -17.13 0.14
C ILE C 120 -11.60 -16.71 -0.98
N ILE C 121 -11.29 -17.08 -2.22
CA ILE C 121 -12.10 -16.63 -3.36
C ILE C 121 -12.39 -17.68 -4.42
N HIS C 122 -13.49 -17.49 -5.14
CA HIS C 122 -13.89 -18.38 -6.21
C HIS C 122 -13.89 -17.59 -7.52
N GLY C 123 -13.53 -18.24 -8.62
CA GLY C 123 -13.52 -17.59 -9.90
C GLY C 123 -13.94 -18.62 -10.93
N SER C 124 -14.64 -18.18 -11.97
CA SER C 124 -15.11 -19.12 -12.99
C SER C 124 -13.89 -19.63 -13.69
N ASP C 125 -13.90 -20.92 -14.10
CA ASP C 125 -12.75 -21.51 -14.80
C ASP C 125 -12.82 -21.45 -16.32
N SER C 126 -13.98 -21.05 -16.85
CA SER C 126 -14.18 -20.93 -18.28
C SER C 126 -15.41 -20.08 -18.56
N VAL C 127 -15.49 -19.55 -19.78
CA VAL C 127 -16.61 -18.71 -20.18
C VAL C 127 -17.92 -19.46 -20.09
N GLU C 128 -17.85 -20.78 -20.25
CA GLU C 128 -19.04 -21.59 -20.21
C GLU C 128 -19.61 -21.61 -18.80
N SER C 129 -18.72 -21.81 -17.82
CA SER C 129 -19.10 -21.84 -16.43
C SER C 129 -19.38 -20.44 -15.91
N ALA C 130 -18.69 -19.45 -16.48
CA ALA C 130 -18.89 -18.06 -16.07
C ALA C 130 -20.34 -17.72 -16.29
N ASN C 131 -20.80 -17.94 -17.51
CA ASN C 131 -22.18 -17.63 -17.88
C ASN C 131 -23.23 -18.40 -17.10
N ARG C 132 -22.88 -19.61 -16.71
CA ARG C 132 -23.80 -20.43 -15.93
C ARG C 132 -23.94 -19.89 -14.52
N GLU C 133 -22.79 -19.62 -13.88
CA GLU C 133 -22.73 -19.10 -12.52
C GLU C 133 -23.36 -17.71 -12.38
N ILE C 134 -23.05 -16.80 -13.30
CA ILE C 134 -23.59 -15.45 -13.25
C ILE C 134 -25.12 -15.52 -13.25
N ALA C 135 -25.66 -16.41 -14.05
CA ALA C 135 -27.10 -16.54 -14.13
C ALA C 135 -27.65 -17.20 -12.87
N LEU C 136 -26.81 -17.94 -12.17
CA LEU C 136 -27.20 -18.64 -10.96
C LEU C 136 -27.31 -17.68 -9.78
N TRP C 137 -26.36 -16.76 -9.67
CA TRP C 137 -26.32 -15.80 -8.56
C TRP C 137 -26.97 -14.45 -8.84
N PHE C 138 -26.96 -14.01 -10.10
CA PHE C 138 -27.52 -12.71 -10.44
C PHE C 138 -28.75 -12.72 -11.34
N LYS C 139 -29.66 -11.80 -11.04
CA LYS C 139 -30.87 -11.63 -11.81
C LYS C 139 -30.45 -10.62 -12.85
N PRO C 140 -31.03 -10.68 -14.05
CA PRO C 140 -30.67 -9.74 -15.12
C PRO C 140 -30.74 -8.27 -14.71
N GLU C 141 -31.69 -7.95 -13.84
CA GLU C 141 -31.88 -6.57 -13.38
C GLU C 141 -30.74 -6.06 -12.49
N GLU C 142 -29.94 -6.99 -11.96
CA GLU C 142 -28.83 -6.63 -11.07
C GLU C 142 -27.49 -6.41 -11.78
N LEU C 143 -27.46 -6.67 -13.10
CA LEU C 143 -26.26 -6.54 -13.91
C LEU C 143 -26.32 -5.32 -14.80
N LEU C 144 -25.21 -4.59 -14.92
CA LEU C 144 -25.17 -3.40 -15.78
C LEU C 144 -25.19 -3.80 -17.25
N THR C 145 -25.91 -3.04 -18.06
CA THR C 145 -25.99 -3.28 -19.50
C THR C 145 -24.98 -2.35 -20.18
N GLU C 146 -25.10 -1.07 -19.89
CA GLU C 146 -24.19 -0.07 -20.45
C GLU C 146 -22.96 -0.11 -19.55
N VAL C 147 -21.92 -0.82 -20.01
CA VAL C 147 -20.67 -0.97 -19.27
C VAL C 147 -19.63 0.12 -19.60
N LYS C 148 -19.12 0.14 -20.83
CA LYS C 148 -18.14 1.13 -21.27
C LYS C 148 -16.96 1.48 -20.30
N PRO C 149 -15.81 0.79 -20.48
CA PRO C 149 -14.60 0.97 -19.67
C PRO C 149 -13.70 2.13 -20.14
N ASN C 150 -12.70 2.44 -19.32
CA ASN C 150 -11.71 3.49 -19.57
C ASN C 150 -11.08 3.34 -20.98
N PRO C 151 -11.08 4.41 -21.78
CA PRO C 151 -10.50 4.35 -23.14
C PRO C 151 -8.98 4.18 -23.18
N ASN C 152 -8.33 4.32 -22.03
CA ASN C 152 -6.87 4.17 -21.92
C ASN C 152 -6.51 2.73 -21.66
N LEU C 153 -7.53 1.88 -21.62
CA LEU C 153 -7.34 0.46 -21.40
C LEU C 153 -7.36 -0.32 -22.71
N TYR C 154 -8.28 0.04 -23.60
CA TYR C 154 -8.42 -0.66 -24.86
C TYR C 154 -8.10 0.20 -26.07
N GLU C 155 -7.51 -0.44 -27.07
CA GLU C 155 -7.10 0.21 -28.31
C GLU C 155 -8.32 0.33 -29.22
N VAL D 6 0.32 -31.11 9.54
CA VAL D 6 0.11 -30.39 10.84
C VAL D 6 0.42 -28.90 10.59
N ASN D 7 -0.27 -28.04 11.31
CA ASN D 7 -0.12 -26.59 11.17
C ASN D 7 0.78 -26.02 12.25
N LYS D 8 1.45 -26.89 12.98
CA LYS D 8 2.34 -26.49 14.05
C LYS D 8 3.76 -26.51 13.49
N GLU D 9 3.90 -26.32 12.18
CA GLU D 9 5.22 -26.32 11.58
C GLU D 9 5.82 -24.93 11.79
N ARG D 10 7.13 -24.85 12.02
CA ARG D 10 7.81 -23.58 12.25
C ARG D 10 9.03 -23.42 11.36
N THR D 11 9.38 -22.18 11.06
CA THR D 11 10.54 -21.89 10.22
C THR D 11 11.26 -20.70 10.83
N PHE D 12 12.54 -20.56 10.52
CA PHE D 12 13.32 -19.46 11.03
C PHE D 12 13.67 -18.47 9.93
N LEU D 13 13.23 -17.23 10.10
CA LEU D 13 13.51 -16.17 9.14
C LEU D 13 14.40 -15.17 9.84
N ALA D 14 15.20 -14.43 9.09
CA ALA D 14 16.08 -13.44 9.69
C ALA D 14 16.34 -12.31 8.72
N VAL D 15 15.90 -11.10 9.06
CA VAL D 15 16.15 -9.98 8.18
C VAL D 15 17.61 -9.67 8.47
N LYS D 16 18.45 -9.75 7.46
CA LYS D 16 19.88 -9.47 7.62
C LYS D 16 20.16 -7.97 7.72
N PRO D 17 21.37 -7.57 8.17
CA PRO D 17 21.79 -6.17 8.31
C PRO D 17 21.33 -5.20 7.23
N ASP D 18 21.41 -5.63 5.97
CA ASP D 18 21.00 -4.80 4.84
C ASP D 18 19.48 -4.57 4.82
N GLY D 19 18.72 -5.60 5.14
CA GLY D 19 17.27 -5.48 5.18
C GLY D 19 16.84 -4.57 6.32
N VAL D 20 17.50 -4.69 7.46
CA VAL D 20 17.19 -3.88 8.63
C VAL D 20 17.65 -2.45 8.39
N ALA D 21 18.84 -2.29 7.86
CA ALA D 21 19.39 -0.96 7.59
C ALA D 21 18.58 -0.23 6.56
N ARG D 22 17.88 -0.97 5.70
CA ARG D 22 17.08 -0.38 4.64
C ARG D 22 15.60 -0.16 4.99
N GLY D 23 15.24 -0.38 6.26
CA GLY D 23 13.88 -0.19 6.71
C GLY D 23 12.86 -1.19 6.17
N LEU D 24 13.29 -2.43 5.98
CA LEU D 24 12.42 -3.45 5.44
C LEU D 24 11.81 -4.40 6.46
N VAL D 25 12.21 -4.29 7.73
CA VAL D 25 11.69 -5.18 8.76
C VAL D 25 10.15 -5.30 8.81
N GLY D 26 9.47 -4.16 8.97
CA GLY D 26 8.02 -4.15 9.07
C GLY D 26 7.34 -4.66 7.81
N GLU D 27 7.91 -4.32 6.65
CA GLU D 27 7.36 -4.76 5.38
C GLU D 27 7.41 -6.29 5.28
N ILE D 28 8.53 -6.87 5.68
CA ILE D 28 8.71 -8.30 5.67
C ILE D 28 7.79 -9.03 6.68
N ILE D 29 7.68 -8.49 7.89
CA ILE D 29 6.81 -9.09 8.89
C ILE D 29 5.36 -9.08 8.42
N ALA D 30 4.95 -7.97 7.79
CA ALA D 30 3.59 -7.80 7.30
C ALA D 30 3.22 -8.81 6.22
N ARG D 31 4.16 -9.15 5.35
CA ARG D 31 3.87 -10.13 4.31
C ARG D 31 3.49 -11.46 4.94
N TYR D 32 4.20 -11.86 5.99
CA TYR D 32 3.93 -13.13 6.64
C TYR D 32 2.65 -13.13 7.47
N GLU D 33 2.35 -11.99 8.10
CA GLU D 33 1.12 -11.86 8.89
C GLU D 33 -0.11 -11.89 7.97
N LYS D 34 -0.01 -11.28 6.78
CA LYS D 34 -1.12 -11.25 5.82
C LYS D 34 -1.45 -12.65 5.34
N LYS D 35 -0.40 -13.45 5.16
CA LYS D 35 -0.50 -14.82 4.70
C LYS D 35 -1.26 -15.69 5.73
N GLY D 36 -1.02 -15.44 7.01
CA GLY D 36 -1.72 -16.19 8.03
C GLY D 36 -0.85 -16.94 9.00
N PHE D 37 0.46 -16.73 8.90
CA PHE D 37 1.38 -17.40 9.79
C PHE D 37 1.49 -16.62 11.07
N VAL D 38 1.71 -17.35 12.17
CA VAL D 38 1.81 -16.74 13.48
C VAL D 38 3.25 -16.55 13.95
N LEU D 39 3.51 -15.34 14.47
CA LEU D 39 4.81 -14.95 14.99
C LEU D 39 5.02 -15.61 16.36
N VAL D 40 5.80 -16.68 16.34
CA VAL D 40 6.11 -17.47 17.53
C VAL D 40 7.32 -16.95 18.33
N GLY D 41 8.16 -16.14 17.70
CA GLY D 41 9.33 -15.59 18.36
C GLY D 41 9.82 -14.40 17.56
N LEU D 42 10.35 -13.39 18.24
CA LEU D 42 10.83 -12.20 17.56
C LEU D 42 11.83 -11.46 18.42
N LYS D 43 12.91 -11.00 17.82
CA LYS D 43 13.92 -10.25 18.55
C LYS D 43 14.98 -9.66 17.62
N GLN D 44 15.60 -8.57 18.05
CA GLN D 44 16.68 -7.96 17.30
C GLN D 44 17.97 -8.15 18.12
N LEU D 45 19.07 -8.42 17.43
CA LEU D 45 20.36 -8.62 18.07
C LEU D 45 21.49 -8.46 17.05
N VAL D 46 22.71 -8.32 17.53
CA VAL D 46 23.86 -8.23 16.65
C VAL D 46 24.47 -9.60 16.82
N PRO D 47 24.40 -10.46 15.79
CA PRO D 47 24.95 -11.81 15.87
C PRO D 47 26.42 -11.82 16.22
N THR D 48 26.82 -12.82 17.00
CA THR D 48 28.21 -13.00 17.39
C THR D 48 28.83 -14.01 16.41
N LYS D 49 30.16 -14.03 16.31
CA LYS D 49 30.87 -14.91 15.37
C LYS D 49 30.50 -16.37 15.53
N ASP D 50 30.51 -16.84 16.77
CA ASP D 50 30.20 -18.20 17.11
C ASP D 50 28.84 -18.60 16.54
N LEU D 51 27.86 -17.71 16.70
CA LEU D 51 26.52 -17.96 16.21
C LEU D 51 26.46 -17.92 14.69
N ALA D 52 27.09 -16.90 14.10
CA ALA D 52 27.09 -16.75 12.66
C ALA D 52 27.69 -17.98 12.03
N GLU D 53 28.77 -18.47 12.65
CA GLU D 53 29.51 -19.65 12.19
C GLU D 53 28.75 -20.94 12.33
N SER D 54 28.09 -21.11 13.46
CA SER D 54 27.30 -22.30 13.70
C SER D 54 26.13 -22.26 12.73
N HIS D 55 25.58 -21.08 12.54
CA HIS D 55 24.45 -20.88 11.66
C HIS D 55 24.76 -21.29 10.23
N TYR D 56 25.89 -20.81 9.71
CA TYR D 56 26.31 -21.09 8.35
C TYR D 56 27.25 -22.29 8.24
N ALA D 57 27.16 -23.19 9.21
CA ALA D 57 28.00 -24.38 9.26
C ALA D 57 28.20 -25.11 7.93
N GLU D 58 27.10 -25.38 7.23
CA GLU D 58 27.16 -26.08 5.93
C GLU D 58 28.10 -25.47 4.91
N HIS D 59 28.35 -24.18 5.03
CA HIS D 59 29.21 -23.49 4.08
C HIS D 59 30.63 -23.28 4.59
N LYS D 60 30.97 -23.86 5.75
CA LYS D 60 32.29 -23.66 6.34
C LYS D 60 33.45 -23.90 5.41
N GLU D 61 33.26 -24.83 4.49
CA GLU D 61 34.30 -25.19 3.53
C GLU D 61 34.26 -24.31 2.28
N ARG D 62 33.16 -23.57 2.12
CA ARG D 62 32.97 -22.71 0.96
C ARG D 62 33.80 -21.43 1.02
N PRO D 63 34.10 -20.84 -0.15
CA PRO D 63 34.90 -19.61 -0.24
C PRO D 63 34.23 -18.44 0.47
N PHE D 64 32.98 -18.17 0.08
CA PHE D 64 32.19 -17.07 0.64
C PHE D 64 31.86 -17.13 2.13
N PHE D 65 32.09 -18.29 2.76
CA PHE D 65 31.82 -18.48 4.18
C PHE D 65 32.31 -17.30 5.04
N GLY D 66 33.57 -16.92 4.84
CA GLY D 66 34.14 -15.83 5.60
C GLY D 66 33.31 -14.56 5.47
N GLY D 67 32.89 -14.26 4.25
CA GLY D 67 32.08 -13.07 4.01
C GLY D 67 30.70 -13.15 4.62
N LEU D 68 30.13 -14.35 4.72
CA LEU D 68 28.81 -14.53 5.31
C LEU D 68 28.85 -14.22 6.81
N VAL D 69 29.74 -14.91 7.53
CA VAL D 69 29.90 -14.71 8.97
C VAL D 69 30.25 -13.27 9.30
N SER D 70 31.06 -12.65 8.45
CA SER D 70 31.47 -11.28 8.67
C SER D 70 30.30 -10.28 8.54
N PHE D 71 29.56 -10.38 7.45
CA PHE D 71 28.44 -9.50 7.18
C PHE D 71 27.29 -9.64 8.18
N ILE D 72 26.86 -10.87 8.40
CA ILE D 72 25.76 -11.11 9.33
C ILE D 72 26.07 -10.55 10.73
N THR D 73 27.35 -10.44 11.06
CA THR D 73 27.75 -9.91 12.35
C THR D 73 28.11 -8.41 12.28
N SER D 74 28.01 -7.83 11.09
CA SER D 74 28.31 -6.42 10.87
C SER D 74 27.25 -5.43 11.39
N GLY D 75 26.09 -5.95 11.76
CA GLY D 75 25.02 -5.10 12.23
C GLY D 75 23.89 -5.90 12.79
N PRO D 76 22.83 -5.24 13.26
CA PRO D 76 21.65 -5.89 13.84
C PRO D 76 20.86 -6.75 12.84
N VAL D 77 20.29 -7.81 13.38
CA VAL D 77 19.52 -8.77 12.62
C VAL D 77 18.21 -8.92 13.37
N VAL D 78 17.11 -9.04 12.65
CA VAL D 78 15.83 -9.26 13.31
C VAL D 78 15.50 -10.73 13.05
N ALA D 79 15.70 -11.55 14.07
CA ALA D 79 15.45 -12.98 14.00
C ALA D 79 14.00 -13.22 14.39
N MET D 80 13.33 -14.14 13.71
CA MET D 80 11.93 -14.40 14.01
C MET D 80 11.54 -15.81 13.59
N VAL D 81 10.52 -16.35 14.26
CA VAL D 81 10.03 -17.69 14.02
C VAL D 81 8.54 -17.60 13.68
N PHE D 82 8.13 -18.18 12.55
CA PHE D 82 6.72 -18.16 12.18
C PHE D 82 6.21 -19.60 12.19
N GLU D 83 4.97 -19.79 12.64
CA GLU D 83 4.33 -21.10 12.71
C GLU D 83 3.11 -21.16 11.79
N GLY D 84 2.93 -22.28 11.10
CA GLY D 84 1.80 -22.43 10.20
C GLY D 84 1.98 -23.62 9.29
N LYS D 85 0.91 -24.01 8.59
CA LYS D 85 0.99 -25.13 7.69
C LYS D 85 1.92 -24.87 6.52
N GLY D 86 2.87 -25.78 6.34
CA GLY D 86 3.82 -25.67 5.26
C GLY D 86 4.57 -24.36 5.26
N VAL D 87 4.79 -23.78 6.43
CA VAL D 87 5.48 -22.51 6.49
C VAL D 87 6.93 -22.51 5.96
N VAL D 88 7.67 -23.62 6.14
CA VAL D 88 9.05 -23.65 5.66
C VAL D 88 9.16 -23.47 4.15
N ALA D 89 8.33 -24.17 3.40
CA ALA D 89 8.33 -24.06 1.93
C ALA D 89 7.65 -22.77 1.44
N SER D 90 6.59 -22.35 2.14
CA SER D 90 5.86 -21.15 1.79
C SER D 90 6.71 -19.91 2.04
N ALA D 91 7.47 -19.94 3.12
CA ALA D 91 8.34 -18.83 3.48
C ALA D 91 9.36 -18.63 2.38
N ARG D 92 9.99 -19.70 1.93
CA ARG D 92 10.99 -19.61 0.87
C ARG D 92 10.41 -19.23 -0.50
N LEU D 93 9.20 -19.68 -0.77
CA LEU D 93 8.54 -19.34 -2.02
C LEU D 93 8.32 -17.81 -2.01
N MET D 94 7.99 -17.26 -0.85
CA MET D 94 7.76 -15.83 -0.70
C MET D 94 9.07 -15.04 -0.70
N ILE D 95 10.15 -15.65 -0.22
CA ILE D 95 11.41 -14.94 -0.22
C ILE D 95 11.89 -14.73 -1.65
N GLY D 96 11.83 -15.79 -2.46
CA GLY D 96 12.29 -15.69 -3.84
C GLY D 96 13.44 -16.67 -3.98
N VAL D 97 14.39 -16.40 -4.86
CA VAL D 97 15.54 -17.30 -5.02
C VAL D 97 16.83 -16.61 -4.60
N THR D 98 17.91 -17.38 -4.46
CA THR D 98 19.20 -16.85 -4.05
C THR D 98 19.61 -15.54 -4.72
N ASN D 99 19.45 -15.43 -6.03
CA ASN D 99 19.80 -14.18 -6.70
C ASN D 99 18.56 -13.35 -6.85
N PRO D 100 18.49 -12.22 -6.15
CA PRO D 100 17.33 -11.35 -6.23
C PRO D 100 16.98 -10.82 -7.64
N LEU D 101 17.97 -10.69 -8.53
CA LEU D 101 17.68 -10.22 -9.88
C LEU D 101 16.92 -11.26 -10.71
N ALA D 102 16.96 -12.51 -10.28
CA ALA D 102 16.27 -13.60 -10.97
C ALA D 102 14.98 -13.95 -10.22
N SER D 103 14.74 -13.26 -9.11
CA SER D 103 13.55 -13.51 -8.31
C SER D 103 12.41 -12.77 -8.97
N ALA D 104 11.27 -13.44 -9.06
CA ALA D 104 10.07 -12.88 -9.69
C ALA D 104 9.45 -11.74 -8.90
N PRO D 105 8.83 -10.77 -9.60
CA PRO D 105 8.19 -9.65 -8.90
C PRO D 105 7.14 -10.27 -8.00
N GLY D 106 6.94 -9.68 -6.82
CA GLY D 106 5.98 -10.21 -5.88
C GLY D 106 6.64 -10.86 -4.68
N SER D 107 7.86 -11.30 -4.85
CA SER D 107 8.61 -11.93 -3.80
C SER D 107 9.43 -10.84 -3.09
N ILE D 108 9.90 -11.13 -1.86
CA ILE D 108 10.71 -10.19 -1.09
C ILE D 108 11.97 -9.78 -1.87
N ARG D 109 12.81 -10.77 -2.19
CA ARG D 109 14.04 -10.48 -2.94
C ARG D 109 13.72 -9.97 -4.34
N GLY D 110 12.62 -10.42 -4.92
CA GLY D 110 12.26 -9.95 -6.24
C GLY D 110 11.93 -8.46 -6.29
N ASP D 111 11.26 -7.98 -5.23
CA ASP D 111 10.83 -6.57 -5.10
C ASP D 111 11.86 -5.59 -4.57
N PHE D 112 12.77 -6.06 -3.72
CA PHE D 112 13.75 -5.19 -3.10
C PHE D 112 15.22 -5.48 -3.32
N GLY D 113 15.58 -6.69 -3.70
CA GLY D 113 16.99 -6.99 -3.84
C GLY D 113 17.60 -6.95 -5.22
N VAL D 114 18.91 -6.68 -5.28
CA VAL D 114 19.62 -6.64 -6.55
C VAL D 114 20.96 -7.41 -6.53
N ASP D 115 21.47 -7.70 -5.34
CA ASP D 115 22.74 -8.41 -5.21
C ASP D 115 22.54 -9.69 -4.39
N VAL D 116 23.30 -10.73 -4.71
CA VAL D 116 23.19 -11.99 -3.99
C VAL D 116 23.85 -11.93 -2.61
N GLY D 117 24.80 -11.01 -2.45
CA GLY D 117 25.48 -10.87 -1.17
C GLY D 117 24.65 -10.01 -0.25
N ARG D 118 23.80 -9.18 -0.84
CA ARG D 118 22.92 -8.29 -0.11
C ARG D 118 21.53 -8.75 -0.47
N ASN D 119 21.19 -10.00 -0.09
CA ASN D 119 19.88 -10.53 -0.43
C ASN D 119 18.78 -10.43 0.65
N ILE D 120 18.85 -9.39 1.47
CA ILE D 120 17.85 -9.04 2.50
C ILE D 120 17.44 -9.99 3.63
N ILE D 121 17.05 -11.22 3.29
CA ILE D 121 16.53 -12.12 4.30
C ILE D 121 16.97 -13.57 4.19
N HIS D 122 16.95 -14.29 5.32
CA HIS D 122 17.32 -15.69 5.38
C HIS D 122 16.09 -16.48 5.79
N GLY D 123 15.91 -17.66 5.20
CA GLY D 123 14.79 -18.50 5.54
C GLY D 123 15.31 -19.93 5.59
N SER D 124 14.78 -20.75 6.49
CA SER D 124 15.24 -22.13 6.58
C SER D 124 14.88 -22.82 5.27
N ASP D 125 15.71 -23.78 4.84
CA ASP D 125 15.47 -24.52 3.60
C ASP D 125 14.73 -25.84 3.75
N SER D 126 14.49 -26.26 5.00
CA SER D 126 13.80 -27.51 5.28
C SER D 126 13.46 -27.57 6.76
N VAL D 127 12.55 -28.49 7.10
CA VAL D 127 12.13 -28.65 8.48
C VAL D 127 13.30 -29.03 9.38
N GLU D 128 14.24 -29.81 8.87
CA GLU D 128 15.39 -30.21 9.66
C GLU D 128 16.24 -28.99 10.04
N SER D 129 16.47 -28.11 9.07
CA SER D 129 17.27 -26.90 9.30
C SER D 129 16.52 -25.90 10.15
N ALA D 130 15.20 -25.81 9.97
CA ALA D 130 14.40 -24.88 10.74
C ALA D 130 14.59 -25.19 12.21
N ASN D 131 14.33 -26.44 12.59
CA ASN D 131 14.45 -26.92 13.97
C ASN D 131 15.83 -26.72 14.57
N ARG D 132 16.84 -26.79 13.72
CA ARG D 132 18.21 -26.58 14.13
C ARG D 132 18.49 -25.10 14.38
N GLU D 133 18.13 -24.25 13.42
CA GLU D 133 18.34 -22.81 13.53
C GLU D 133 17.51 -22.16 14.61
N ILE D 134 16.28 -22.61 14.78
CA ILE D 134 15.38 -22.08 15.80
C ILE D 134 16.03 -22.26 17.18
N ALA D 135 16.60 -23.44 17.41
CA ALA D 135 17.24 -23.77 18.68
C ALA D 135 18.58 -23.04 18.85
N LEU D 136 19.14 -22.58 17.75
CA LEU D 136 20.41 -21.87 17.75
C LEU D 136 20.20 -20.41 18.13
N TRP D 137 19.12 -19.81 17.60
CA TRP D 137 18.84 -18.40 17.87
C TRP D 137 17.88 -18.12 19.02
N PHE D 138 16.99 -19.06 19.30
CA PHE D 138 16.02 -18.86 20.35
C PHE D 138 16.12 -19.82 21.52
N LYS D 139 15.85 -19.29 22.70
CA LYS D 139 15.84 -20.09 23.92
C LYS D 139 14.36 -20.45 24.03
N PRO D 140 14.05 -21.62 24.61
CA PRO D 140 12.66 -22.07 24.76
C PRO D 140 11.72 -21.06 25.42
N GLU D 141 12.24 -20.29 26.37
CA GLU D 141 11.44 -19.29 27.07
C GLU D 141 11.01 -18.13 26.17
N GLU D 142 11.66 -17.99 25.03
CA GLU D 142 11.39 -16.92 24.08
C GLU D 142 10.38 -17.28 22.97
N LEU D 143 9.97 -18.54 22.90
CA LEU D 143 9.02 -19.00 21.89
C LEU D 143 7.63 -19.24 22.50
N LEU D 144 6.57 -18.90 21.78
CA LEU D 144 5.23 -19.07 22.33
C LEU D 144 4.86 -20.55 22.33
N THR D 145 4.13 -20.97 23.37
CA THR D 145 3.67 -22.35 23.51
C THR D 145 2.23 -22.45 22.98
N GLU D 146 1.36 -21.60 23.53
CA GLU D 146 -0.03 -21.52 23.12
C GLU D 146 -0.06 -20.63 21.90
N VAL D 147 -0.15 -21.25 20.73
CA VAL D 147 -0.20 -20.51 19.46
C VAL D 147 -1.61 -20.14 18.96
N LYS D 148 -2.42 -21.14 18.60
CA LYS D 148 -3.79 -20.91 18.10
C LYS D 148 -4.00 -19.79 17.06
N PRO D 149 -4.03 -20.16 15.76
CA PRO D 149 -4.21 -19.19 14.68
C PRO D 149 -5.69 -18.88 14.38
N ASN D 150 -5.90 -17.91 13.50
CA ASN D 150 -7.22 -17.49 13.04
C ASN D 150 -7.98 -18.73 12.49
N PRO D 151 -9.24 -18.94 12.93
CA PRO D 151 -10.06 -20.09 12.48
C PRO D 151 -10.50 -20.02 11.01
N ASN D 152 -10.41 -18.83 10.43
CA ASN D 152 -10.77 -18.60 9.04
C ASN D 152 -9.63 -19.02 8.12
N LEU D 153 -8.52 -19.46 8.73
CA LEU D 153 -7.33 -19.89 8.00
C LEU D 153 -7.28 -21.38 7.75
N TYR D 154 -7.63 -22.14 8.77
CA TYR D 154 -7.62 -23.60 8.68
C TYR D 154 -8.97 -24.23 8.81
N GLU D 155 -9.13 -25.34 8.09
CA GLU D 155 -10.34 -26.14 8.00
C GLU D 155 -10.42 -27.14 9.16
N VAL E 6 -11.06 28.67 -11.07
CA VAL E 6 -10.59 28.00 -12.31
C VAL E 6 -9.75 26.78 -11.89
N ASN E 7 -9.81 25.70 -12.66
CA ASN E 7 -9.08 24.48 -12.39
C ASN E 7 -7.73 24.45 -13.12
N LYS E 8 -7.36 25.57 -13.72
CA LYS E 8 -6.11 25.67 -14.44
C LYS E 8 -5.02 26.29 -13.55
N GLU E 9 -5.20 26.17 -12.25
CA GLU E 9 -4.23 26.69 -11.31
C GLU E 9 -3.07 25.69 -11.27
N ARG E 10 -1.85 26.23 -11.14
CA ARG E 10 -0.64 25.41 -11.08
C ARG E 10 0.24 25.78 -9.88
N THR E 11 1.03 24.81 -9.41
CA THR E 11 1.97 25.04 -8.32
C THR E 11 3.26 24.32 -8.65
N PHE E 12 4.33 24.72 -7.98
CA PHE E 12 5.64 24.13 -8.19
C PHE E 12 6.02 23.25 -7.00
N LEU E 13 6.28 21.98 -7.27
CA LEU E 13 6.70 21.05 -6.21
C LEU E 13 8.12 20.59 -6.53
N ALA E 14 8.91 20.29 -5.52
CA ALA E 14 10.28 19.85 -5.78
C ALA E 14 10.74 18.88 -4.72
N VAL E 15 10.98 17.63 -5.10
CA VAL E 15 11.46 16.64 -4.15
C VAL E 15 12.94 16.97 -4.02
N LYS E 16 13.37 17.31 -2.81
CA LYS E 16 14.75 17.72 -2.56
C LYS E 16 15.74 16.55 -2.46
N PRO E 17 17.05 16.82 -2.57
CA PRO E 17 18.08 15.78 -2.51
C PRO E 17 17.83 14.64 -1.50
N ASP E 18 17.34 14.97 -0.31
CA ASP E 18 17.07 13.95 0.69
C ASP E 18 15.88 13.08 0.32
N GLY E 19 14.82 13.68 -0.20
CA GLY E 19 13.67 12.89 -0.63
C GLY E 19 14.01 11.95 -1.79
N VAL E 20 14.78 12.46 -2.75
CA VAL E 20 15.23 11.69 -3.89
C VAL E 20 16.18 10.59 -3.40
N ALA E 21 17.21 10.97 -2.67
CA ALA E 21 18.17 9.99 -2.17
C ALA E 21 17.51 8.91 -1.27
N ARG E 22 16.33 9.20 -0.74
CA ARG E 22 15.61 8.25 0.10
C ARG E 22 14.57 7.44 -0.68
N GLY E 23 14.53 7.59 -1.99
CA GLY E 23 13.58 6.83 -2.79
C GLY E 23 12.13 7.17 -2.53
N LEU E 24 11.84 8.47 -2.43
CA LEU E 24 10.49 8.93 -2.16
C LEU E 24 9.83 9.60 -3.38
N VAL E 25 10.58 9.75 -4.47
CA VAL E 25 10.04 10.40 -5.67
C VAL E 25 8.73 9.84 -6.16
N GLY E 26 8.65 8.54 -6.41
CA GLY E 26 7.41 7.94 -6.90
C GLY E 26 6.26 7.99 -5.91
N GLU E 27 6.58 7.81 -4.63
CA GLU E 27 5.59 7.84 -3.56
C GLU E 27 4.88 9.21 -3.53
N ILE E 28 5.67 10.27 -3.65
CA ILE E 28 5.18 11.63 -3.65
C ILE E 28 4.34 11.89 -4.90
N ILE E 29 4.86 11.53 -6.09
CA ILE E 29 4.11 11.74 -7.33
C ILE E 29 2.76 11.01 -7.28
N ALA E 30 2.76 9.79 -6.76
CA ALA E 30 1.56 9.00 -6.62
C ALA E 30 0.47 9.70 -5.77
N ARG E 31 0.87 10.33 -4.68
CA ARG E 31 -0.09 11.02 -3.81
C ARG E 31 -0.85 12.13 -4.56
N TYR E 32 -0.14 12.87 -5.40
CA TYR E 32 -0.75 13.92 -6.17
C TYR E 32 -1.59 13.38 -7.30
N GLU E 33 -1.16 12.28 -7.93
CA GLU E 33 -1.92 11.67 -9.02
C GLU E 33 -3.24 11.13 -8.48
N LYS E 34 -3.19 10.50 -7.31
CA LYS E 34 -4.39 9.93 -6.70
C LYS E 34 -5.42 11.00 -6.35
N LYS E 35 -4.91 12.18 -6.01
CA LYS E 35 -5.75 13.31 -5.63
C LYS E 35 -6.52 13.87 -6.85
N GLY E 36 -5.93 13.77 -8.04
CA GLY E 36 -6.59 14.25 -9.24
C GLY E 36 -5.91 15.40 -9.98
N PHE E 37 -4.70 15.73 -9.54
CA PHE E 37 -3.94 16.82 -10.16
C PHE E 37 -3.16 16.28 -11.31
N VAL E 38 -3.06 17.09 -12.36
CA VAL E 38 -2.37 16.71 -13.57
C VAL E 38 -0.93 17.21 -13.62
N LEU E 39 -0.01 16.31 -13.92
CA LEU E 39 1.41 16.62 -14.02
C LEU E 39 1.64 17.38 -15.32
N VAL E 40 1.87 18.67 -15.18
CA VAL E 40 2.08 19.55 -16.31
C VAL E 40 3.57 19.64 -16.70
N GLY E 41 4.46 19.26 -15.81
CA GLY E 41 5.88 19.34 -16.10
C GLY E 41 6.61 18.47 -15.11
N LEU E 42 7.71 17.86 -15.53
CA LEU E 42 8.48 16.97 -14.68
C LEU E 42 9.90 16.81 -15.20
N LYS E 43 10.88 16.89 -14.30
CA LYS E 43 12.27 16.72 -14.72
C LYS E 43 13.17 16.62 -13.52
N GLN E 44 14.30 15.93 -13.68
CA GLN E 44 15.28 15.79 -12.62
C GLN E 44 16.52 16.58 -13.04
N LEU E 45 17.11 17.31 -12.10
CA LEU E 45 18.29 18.12 -12.37
C LEU E 45 19.05 18.35 -11.08
N VAL E 46 20.28 18.83 -11.18
CA VAL E 46 21.10 19.16 -10.01
C VAL E 46 21.10 20.68 -10.06
N PRO E 47 20.29 21.33 -9.20
CA PRO E 47 20.22 22.79 -9.20
C PRO E 47 21.58 23.48 -9.14
N THR E 48 21.65 24.63 -9.82
CA THR E 48 22.86 25.44 -9.83
C THR E 48 22.64 26.56 -8.79
N LYS E 49 23.73 27.19 -8.36
CA LYS E 49 23.68 28.24 -7.34
C LYS E 49 22.75 29.39 -7.69
N ASP E 50 22.92 29.93 -8.89
CA ASP E 50 22.09 31.05 -9.38
C ASP E 50 20.59 30.74 -9.28
N LEU E 51 20.23 29.48 -9.47
CA LEU E 51 18.84 29.04 -9.41
C LEU E 51 18.39 28.83 -7.96
N ALA E 52 19.24 28.22 -7.15
CA ALA E 52 18.90 27.97 -5.74
C ALA E 52 18.68 29.29 -5.03
N GLU E 53 19.57 30.24 -5.31
CA GLU E 53 19.54 31.60 -4.73
C GLU E 53 18.31 32.37 -5.18
N SER E 54 18.00 32.34 -6.47
CA SER E 54 16.83 33.04 -6.96
C SER E 54 15.58 32.39 -6.37
N HIS E 55 15.59 31.07 -6.32
CA HIS E 55 14.46 30.31 -5.79
C HIS E 55 14.13 30.68 -4.33
N TYR E 56 15.17 30.81 -3.51
CA TYR E 56 15.03 31.15 -2.08
C TYR E 56 15.28 32.63 -1.80
N ALA E 57 15.10 33.48 -2.80
CA ALA E 57 15.35 34.92 -2.66
C ALA E 57 14.84 35.53 -1.37
N GLU E 58 13.58 35.28 -1.04
CA GLU E 58 12.99 35.86 0.16
C GLU E 58 13.72 35.61 1.49
N HIS E 59 14.62 34.64 1.49
CA HIS E 59 15.35 34.32 2.71
C HIS E 59 16.79 34.76 2.60
N LYS E 60 17.15 35.47 1.54
CA LYS E 60 18.54 35.91 1.36
C LYS E 60 19.09 36.63 2.59
N GLU E 61 18.20 37.28 3.32
CA GLU E 61 18.59 38.01 4.54
C GLU E 61 18.69 37.11 5.79
N ARG E 62 18.00 35.97 5.78
CA ARG E 62 17.99 35.03 6.91
C ARG E 62 19.33 34.31 7.09
N PRO E 63 19.57 33.81 8.31
CA PRO E 63 20.82 33.11 8.62
C PRO E 63 20.95 31.79 7.88
N PHE E 64 19.85 31.04 7.81
CA PHE E 64 19.86 29.74 7.16
C PHE E 64 20.02 29.73 5.65
N PHE E 65 19.66 30.82 4.98
CA PHE E 65 19.77 30.93 3.52
C PHE E 65 21.01 30.21 2.91
N GLY E 66 22.19 30.45 3.48
CA GLY E 66 23.40 29.83 2.98
C GLY E 66 23.32 28.31 2.94
N GLY E 67 22.71 27.72 3.97
CA GLY E 67 22.57 26.28 4.05
C GLY E 67 21.47 25.77 3.15
N LEU E 68 20.49 26.62 2.86
CA LEU E 68 19.40 26.22 1.98
C LEU E 68 19.89 26.09 0.56
N VAL E 69 20.69 27.05 0.11
CA VAL E 69 21.24 27.09 -1.22
C VAL E 69 22.29 25.99 -1.44
N SER E 70 23.03 25.66 -0.39
CA SER E 70 24.04 24.61 -0.54
C SER E 70 23.49 23.19 -0.63
N PHE E 71 22.49 22.86 0.18
CA PHE E 71 21.92 21.53 0.19
C PHE E 71 21.10 21.25 -1.05
N ILE E 72 20.34 22.25 -1.51
CA ILE E 72 19.50 22.04 -2.68
C ILE E 72 20.33 21.79 -3.93
N THR E 73 21.57 22.26 -3.93
CA THR E 73 22.49 22.06 -5.04
C THR E 73 23.47 20.89 -4.78
N SER E 74 23.32 20.21 -3.64
CA SER E 74 24.19 19.11 -3.25
C SER E 74 23.89 17.79 -3.96
N GLY E 75 22.78 17.77 -4.69
CA GLY E 75 22.42 16.56 -5.40
C GLY E 75 21.23 16.81 -6.33
N PRO E 76 20.75 15.76 -6.98
CA PRO E 76 19.61 15.87 -7.89
C PRO E 76 18.33 16.22 -7.16
N VAL E 77 17.44 16.90 -7.88
CA VAL E 77 16.14 17.32 -7.36
C VAL E 77 15.19 16.91 -8.47
N VAL E 78 13.98 16.52 -8.10
CA VAL E 78 12.98 16.19 -9.08
C VAL E 78 11.97 17.35 -8.98
N ALA E 79 12.02 18.27 -9.95
CA ALA E 79 11.13 19.41 -10.00
C ALA E 79 9.91 19.01 -10.81
N MET E 80 8.75 19.51 -10.43
CA MET E 80 7.51 19.16 -11.13
C MET E 80 6.46 20.22 -10.94
N VAL E 81 5.49 20.23 -11.84
CA VAL E 81 4.40 21.20 -11.85
C VAL E 81 3.09 20.41 -11.92
N PHE E 82 2.16 20.68 -11.01
CA PHE E 82 0.86 20.02 -11.02
C PHE E 82 -0.25 21.06 -11.26
N GLU E 83 -1.26 20.70 -12.05
CA GLU E 83 -2.36 21.60 -12.36
C GLU E 83 -3.69 21.07 -11.82
N GLY E 84 -4.55 21.99 -11.36
CA GLY E 84 -5.83 21.59 -10.81
C GLY E 84 -6.42 22.70 -9.94
N LYS E 85 -7.65 22.48 -9.49
CA LYS E 85 -8.38 23.43 -8.67
C LYS E 85 -7.77 23.53 -7.32
N GLY E 86 -7.42 24.75 -6.94
CA GLY E 86 -6.81 25.02 -5.64
C GLY E 86 -5.61 24.14 -5.34
N VAL E 87 -4.82 23.84 -6.36
CA VAL E 87 -3.67 22.99 -6.17
C VAL E 87 -2.57 23.58 -5.26
N VAL E 88 -2.36 24.89 -5.29
CA VAL E 88 -1.32 25.49 -4.45
C VAL E 88 -1.57 25.25 -2.94
N ALA E 89 -2.80 25.45 -2.48
CA ALA E 89 -3.14 25.24 -1.06
C ALA E 89 -3.33 23.76 -0.70
N SER E 90 -3.82 22.98 -1.66
CA SER E 90 -4.01 21.55 -1.42
C SER E 90 -2.61 20.88 -1.38
N ALA E 91 -1.73 21.31 -2.26
CA ALA E 91 -0.38 20.77 -2.31
C ALA E 91 0.29 20.96 -0.95
N ARG E 92 0.17 22.15 -0.38
CA ARG E 92 0.77 22.44 0.90
C ARG E 92 0.14 21.73 2.10
N LEU E 93 -1.17 21.53 2.03
CA LEU E 93 -1.92 20.83 3.07
C LEU E 93 -1.42 19.40 3.10
N MET E 94 -1.16 18.85 1.92
CA MET E 94 -0.64 17.49 1.75
C MET E 94 0.81 17.35 2.20
N ILE E 95 1.63 18.36 1.95
CA ILE E 95 3.05 18.33 2.37
C ILE E 95 3.16 18.27 3.90
N GLY E 96 2.41 19.12 4.58
CA GLY E 96 2.44 19.17 6.03
C GLY E 96 2.92 20.55 6.44
N VAL E 97 3.64 20.65 7.56
CA VAL E 97 4.14 21.95 8.01
C VAL E 97 5.66 21.94 7.97
N THR E 98 6.27 23.11 8.13
CA THR E 98 7.73 23.28 8.13
C THR E 98 8.50 22.20 8.89
N ASN E 99 8.08 21.94 10.11
CA ASN E 99 8.71 20.95 10.95
C ASN E 99 7.98 19.64 10.76
N PRO E 100 8.65 18.66 10.15
CA PRO E 100 8.09 17.34 9.89
C PRO E 100 7.62 16.62 11.14
N LEU E 101 8.23 16.92 12.29
CA LEU E 101 7.83 16.28 13.55
C LEU E 101 6.48 16.79 14.04
N ALA E 102 6.11 17.98 13.61
CA ALA E 102 4.84 18.58 14.01
C ALA E 102 3.77 18.36 12.94
N SER E 103 4.15 17.76 11.82
CA SER E 103 3.24 17.47 10.73
C SER E 103 2.45 16.22 11.08
N ALA E 104 1.15 16.30 10.85
CA ALA E 104 0.22 15.22 11.15
C ALA E 104 0.42 14.00 10.29
N PRO E 105 0.12 12.81 10.84
CA PRO E 105 0.26 11.56 10.07
C PRO E 105 -0.68 11.64 8.88
N GLY E 106 -0.21 11.25 7.70
CA GLY E 106 -1.03 11.29 6.52
C GLY E 106 -0.42 12.23 5.49
N SER E 107 0.32 13.23 5.98
CA SER E 107 0.97 14.18 5.10
C SER E 107 2.32 13.64 4.72
N ILE E 108 2.94 14.17 3.66
CA ILE E 108 4.25 13.68 3.23
C ILE E 108 5.28 13.82 4.37
N ARG E 109 5.50 15.04 4.86
CA ARG E 109 6.45 15.30 5.93
C ARG E 109 6.06 14.61 7.23
N GLY E 110 4.76 14.49 7.44
CA GLY E 110 4.27 13.87 8.66
C GLY E 110 4.58 12.40 8.69
N ASP E 111 4.67 11.80 7.49
CA ASP E 111 4.94 10.37 7.36
C ASP E 111 6.39 9.95 7.17
N PHE E 112 7.18 10.82 6.55
CA PHE E 112 8.59 10.51 6.26
C PHE E 112 9.67 11.45 6.80
N GLY E 113 9.30 12.62 7.30
CA GLY E 113 10.32 13.56 7.78
C GLY E 113 10.49 13.68 9.28
N VAL E 114 11.72 13.99 9.70
CA VAL E 114 12.04 14.13 11.13
C VAL E 114 12.81 15.43 11.45
N ASP E 115 13.45 16.04 10.46
CA ASP E 115 14.23 17.26 10.64
C ASP E 115 13.72 18.33 9.70
N VAL E 116 13.85 19.59 10.12
CA VAL E 116 13.39 20.73 9.31
C VAL E 116 14.37 21.05 8.17
N GLY E 117 15.63 20.72 8.37
CA GLY E 117 16.63 20.94 7.34
C GLY E 117 16.57 19.86 6.28
N ARG E 118 16.01 18.71 6.66
CA ARG E 118 15.85 17.56 5.79
C ARG E 118 14.33 17.31 5.72
N ASN E 119 13.59 18.28 5.17
CA ASN E 119 12.13 18.13 5.10
C ASN E 119 11.53 17.68 3.78
N ILE E 120 12.27 16.82 3.08
CA ILE E 120 11.84 16.20 1.83
C ILE E 120 11.39 16.98 0.60
N ILE E 121 10.35 17.80 0.74
CA ILE E 121 9.81 18.50 -0.43
C ILE E 121 9.52 19.99 -0.26
N HIS E 122 9.47 20.70 -1.39
CA HIS E 122 9.11 22.11 -1.41
C HIS E 122 7.80 22.27 -2.19
N GLY E 123 6.98 23.21 -1.76
CA GLY E 123 5.74 23.49 -2.43
C GLY E 123 5.58 25.00 -2.42
N SER E 124 5.03 25.58 -3.48
CA SER E 124 4.82 27.03 -3.53
C SER E 124 3.84 27.37 -2.43
N ASP E 125 3.99 28.54 -1.82
CA ASP E 125 3.07 28.94 -0.75
C ASP E 125 1.91 29.82 -1.20
N SER E 126 1.90 30.16 -2.48
CA SER E 126 0.84 31.01 -3.04
C SER E 126 0.93 31.01 -4.56
N VAL E 127 -0.14 31.48 -5.18
CA VAL E 127 -0.23 31.56 -6.63
C VAL E 127 0.84 32.47 -7.18
N GLU E 128 1.12 33.55 -6.47
CA GLU E 128 2.13 34.49 -6.90
C GLU E 128 3.51 33.83 -6.97
N SER E 129 3.86 33.06 -5.95
CA SER E 129 5.15 32.39 -5.89
C SER E 129 5.17 31.21 -6.84
N ALA E 130 4.04 30.53 -6.98
CA ALA E 130 3.95 29.39 -7.87
C ALA E 130 4.36 29.83 -9.25
N ASN E 131 3.76 30.91 -9.71
CA ASN E 131 4.03 31.41 -11.04
C ASN E 131 5.47 31.85 -11.25
N ARG E 132 6.07 32.36 -10.19
CA ARG E 132 7.44 32.82 -10.27
C ARG E 132 8.40 31.65 -10.34
N GLU E 133 8.20 30.69 -9.44
CA GLU E 133 9.00 29.48 -9.36
C GLU E 133 8.92 28.61 -10.63
N ILE E 134 7.70 28.39 -11.14
CA ILE E 134 7.51 27.61 -12.36
C ILE E 134 8.30 28.20 -13.52
N ALA E 135 8.30 29.52 -13.62
CA ALA E 135 9.03 30.20 -14.69
C ALA E 135 10.53 30.14 -14.45
N LEU E 136 10.91 29.94 -13.19
CA LEU E 136 12.31 29.86 -12.82
C LEU E 136 12.89 28.48 -13.17
N TRP E 137 12.15 27.42 -12.90
CA TRP E 137 12.62 26.06 -13.15
C TRP E 137 12.25 25.46 -14.51
N PHE E 138 11.16 25.94 -15.11
CA PHE E 138 10.73 25.41 -16.38
C PHE E 138 10.66 26.39 -17.55
N LYS E 139 11.02 25.88 -18.72
CA LYS E 139 10.95 26.67 -19.95
C LYS E 139 9.54 26.38 -20.41
N PRO E 140 8.93 27.30 -21.15
CA PRO E 140 7.57 27.09 -21.64
C PRO E 140 7.40 25.81 -22.46
N GLU E 141 8.43 25.44 -23.22
CA GLU E 141 8.39 24.25 -24.06
C GLU E 141 8.28 22.96 -23.25
N GLU E 142 8.59 23.07 -21.97
CA GLU E 142 8.58 21.93 -21.06
C GLU E 142 7.28 21.72 -20.30
N LEU E 143 6.35 22.65 -20.46
CA LEU E 143 5.08 22.57 -19.77
C LEU E 143 3.98 22.21 -20.77
N LEU E 144 3.07 21.32 -20.41
CA LEU E 144 1.98 20.93 -21.31
C LEU E 144 0.98 22.06 -21.45
N THR E 145 0.44 22.25 -22.64
CA THR E 145 -0.54 23.30 -22.90
C THR E 145 -1.95 22.69 -22.89
N GLU E 146 -2.09 21.58 -23.61
CA GLU E 146 -3.32 20.81 -23.71
C GLU E 146 -3.36 19.91 -22.47
N VAL E 147 -4.05 20.35 -21.43
CA VAL E 147 -4.13 19.57 -20.19
C VAL E 147 -5.32 18.59 -20.12
N LYS E 148 -6.54 19.12 -19.97
CA LYS E 148 -7.77 18.31 -19.87
C LYS E 148 -7.70 17.15 -18.85
N PRO E 149 -8.33 17.34 -17.67
CA PRO E 149 -8.37 16.36 -16.57
C PRO E 149 -9.54 15.37 -16.62
N ASN E 150 -9.45 14.34 -15.75
CA ASN E 150 -10.49 13.32 -15.66
C ASN E 150 -11.84 14.00 -15.39
N PRO E 151 -12.86 13.70 -16.21
CA PRO E 151 -14.19 14.32 -16.04
C PRO E 151 -14.94 13.93 -14.76
N ASN E 152 -14.43 12.91 -14.08
CA ASN E 152 -15.01 12.44 -12.82
C ASN E 152 -14.44 13.21 -11.64
N LEU E 153 -13.58 14.19 -11.93
CA LEU E 153 -12.99 15.02 -10.90
C LEU E 153 -13.71 16.33 -10.78
N TYR E 154 -14.03 16.95 -11.92
CA TYR E 154 -14.68 18.26 -11.95
C TYR E 154 -16.09 18.25 -12.46
N GLU E 155 -16.93 19.07 -11.83
CA GLU E 155 -18.35 19.20 -12.18
C GLU E 155 -18.47 20.12 -13.42
N VAL F 6 -23.71 0.97 22.54
CA VAL F 6 -23.86 -0.35 21.85
C VAL F 6 -23.05 -0.36 20.53
N ASN F 7 -22.51 -1.52 20.17
CA ASN F 7 -21.72 -1.69 18.95
C ASN F 7 -22.55 -2.12 17.76
N LYS F 8 -23.87 -2.18 17.95
CA LYS F 8 -24.78 -2.58 16.90
C LYS F 8 -25.29 -1.36 16.14
N GLU F 9 -24.52 -0.29 16.16
CA GLU F 9 -24.89 0.91 15.43
C GLU F 9 -24.50 0.72 13.97
N ARG F 10 -25.31 1.25 13.06
CA ARG F 10 -25.07 1.12 11.62
C ARG F 10 -25.13 2.49 10.95
N THR F 11 -24.46 2.60 9.80
CA THR F 11 -24.45 3.83 9.00
C THR F 11 -24.55 3.40 7.54
N PHE F 12 -24.99 4.34 6.69
CA PHE F 12 -25.14 4.08 5.27
C PHE F 12 -24.07 4.84 4.50
N LEU F 13 -23.25 4.12 3.74
CA LEU F 13 -22.21 4.76 2.95
C LEU F 13 -22.52 4.45 1.50
N ALA F 14 -22.11 5.33 0.60
CA ALA F 14 -22.38 5.09 -0.81
C ALA F 14 -21.30 5.72 -1.68
N VAL F 15 -20.56 4.88 -2.41
CA VAL F 15 -19.55 5.39 -3.31
C VAL F 15 -20.37 5.86 -4.51
N LYS F 16 -20.26 7.14 -4.82
CA LYS F 16 -21.02 7.73 -5.91
C LYS F 16 -20.39 7.47 -7.27
N PRO F 17 -21.16 7.70 -8.34
CA PRO F 17 -20.71 7.48 -9.70
C PRO F 17 -19.25 7.81 -10.01
N ASP F 18 -18.76 8.93 -9.49
CA ASP F 18 -17.38 9.34 -9.73
C ASP F 18 -16.37 8.48 -9.00
N GLY F 19 -16.72 8.04 -7.80
CA GLY F 19 -15.85 7.17 -7.02
C GLY F 19 -15.81 5.82 -7.70
N VAL F 20 -16.97 5.34 -8.15
CA VAL F 20 -17.06 4.06 -8.83
C VAL F 20 -16.29 4.11 -10.15
N ALA F 21 -16.59 5.11 -10.97
CA ALA F 21 -15.92 5.26 -12.25
C ALA F 21 -14.40 5.50 -12.13
N ARG F 22 -13.93 5.93 -10.97
CA ARG F 22 -12.50 6.14 -10.81
C ARG F 22 -11.79 4.95 -10.14
N GLY F 23 -12.50 3.83 -9.97
CA GLY F 23 -11.90 2.64 -9.37
C GLY F 23 -11.53 2.73 -7.91
N LEU F 24 -12.38 3.40 -7.13
CA LEU F 24 -12.12 3.58 -5.70
C LEU F 24 -12.97 2.70 -4.78
N VAL F 25 -13.86 1.89 -5.36
CA VAL F 25 -14.74 1.04 -4.55
C VAL F 25 -13.99 0.18 -3.52
N GLY F 26 -13.09 -0.68 -4.01
CA GLY F 26 -12.29 -1.55 -3.14
C GLY F 26 -11.46 -0.81 -2.10
N GLU F 27 -10.82 0.29 -2.51
CA GLU F 27 -10.03 1.13 -1.63
C GLU F 27 -10.84 1.65 -0.43
N ILE F 28 -12.04 2.13 -0.71
CA ILE F 28 -12.93 2.67 0.33
C ILE F 28 -13.41 1.57 1.25
N ILE F 29 -13.80 0.42 0.68
CA ILE F 29 -14.29 -0.70 1.50
C ILE F 29 -13.19 -1.20 2.41
N ALA F 30 -11.96 -1.22 1.89
CA ALA F 30 -10.82 -1.68 2.64
C ALA F 30 -10.57 -0.84 3.87
N ARG F 31 -10.78 0.46 3.74
CA ARG F 31 -10.56 1.36 4.85
C ARG F 31 -11.48 1.09 6.03
N TYR F 32 -12.74 0.78 5.73
CA TYR F 32 -13.69 0.49 6.78
C TYR F 32 -13.45 -0.87 7.41
N GLU F 33 -13.04 -1.87 6.62
CA GLU F 33 -12.76 -3.22 7.12
C GLU F 33 -11.54 -3.19 8.03
N LYS F 34 -10.51 -2.43 7.66
CA LYS F 34 -9.29 -2.29 8.46
C LYS F 34 -9.59 -1.72 9.83
N LYS F 35 -10.54 -0.80 9.84
CA LYS F 35 -10.97 -0.12 11.04
C LYS F 35 -11.69 -1.08 12.00
N GLY F 36 -12.32 -2.11 11.48
CA GLY F 36 -13.02 -3.05 12.34
C GLY F 36 -14.53 -3.04 12.28
N PHE F 37 -15.09 -2.34 11.30
CA PHE F 37 -16.53 -2.29 11.12
C PHE F 37 -16.94 -3.48 10.24
N VAL F 38 -18.14 -4.00 10.48
CA VAL F 38 -18.66 -5.15 9.75
C VAL F 38 -19.64 -4.75 8.64
N LEU F 39 -19.38 -5.27 7.43
CA LEU F 39 -20.20 -5.01 6.26
C LEU F 39 -21.51 -5.80 6.37
N VAL F 40 -22.56 -5.09 6.73
CA VAL F 40 -23.87 -5.70 6.92
C VAL F 40 -24.73 -5.75 5.65
N GLY F 41 -24.33 -5.02 4.62
CA GLY F 41 -25.10 -4.99 3.39
C GLY F 41 -24.27 -4.36 2.31
N LEU F 42 -24.31 -4.92 1.10
CA LEU F 42 -23.51 -4.40 -0.01
C LEU F 42 -24.20 -4.70 -1.33
N LYS F 43 -24.18 -3.73 -2.24
CA LYS F 43 -24.78 -3.89 -3.56
C LYS F 43 -24.51 -2.71 -4.47
N GLN F 44 -24.49 -3.00 -5.78
CA GLN F 44 -24.29 -1.98 -6.78
C GLN F 44 -25.61 -1.79 -7.54
N LEU F 45 -25.94 -0.54 -7.88
CA LEU F 45 -27.18 -0.24 -8.58
C LEU F 45 -27.12 1.15 -9.19
N VAL F 46 -27.97 1.43 -10.19
CA VAL F 46 -28.02 2.76 -10.80
C VAL F 46 -29.25 3.35 -10.13
N PRO F 47 -29.08 4.34 -9.25
CA PRO F 47 -30.23 4.94 -8.55
C PRO F 47 -31.29 5.49 -9.47
N THR F 48 -32.54 5.39 -9.05
CA THR F 48 -33.62 5.94 -9.83
C THR F 48 -33.94 7.31 -9.26
N LYS F 49 -34.64 8.15 -10.03
CA LYS F 49 -34.98 9.50 -9.59
C LYS F 49 -35.71 9.52 -8.24
N ASP F 50 -36.70 8.64 -8.09
CA ASP F 50 -37.46 8.55 -6.84
C ASP F 50 -36.53 8.33 -5.65
N LEU F 51 -35.60 7.39 -5.79
CA LEU F 51 -34.64 7.08 -4.73
C LEU F 51 -33.61 8.20 -4.52
N ALA F 52 -33.21 8.87 -5.61
CA ALA F 52 -32.25 9.95 -5.49
C ALA F 52 -32.93 11.11 -4.75
N GLU F 53 -34.17 11.39 -5.12
CA GLU F 53 -34.93 12.47 -4.51
C GLU F 53 -35.32 12.22 -3.06
N SER F 54 -35.76 10.99 -2.75
CA SER F 54 -36.15 10.67 -1.37
C SER F 54 -34.92 10.75 -0.50
N HIS F 55 -33.80 10.31 -1.06
CA HIS F 55 -32.50 10.33 -0.38
C HIS F 55 -32.08 11.78 -0.04
N TYR F 56 -32.09 12.65 -1.03
CA TYR F 56 -31.71 14.05 -0.83
C TYR F 56 -32.89 14.97 -0.49
N ALA F 57 -33.95 14.40 0.08
CA ALA F 57 -35.15 15.14 0.44
C ALA F 57 -34.90 16.48 1.13
N GLU F 58 -34.08 16.48 2.18
CA GLU F 58 -33.74 17.69 2.95
C GLU F 58 -33.26 18.84 2.07
N HIS F 59 -32.77 18.51 0.86
CA HIS F 59 -32.24 19.51 -0.06
C HIS F 59 -33.18 19.90 -1.16
N LYS F 60 -34.37 19.31 -1.21
CA LYS F 60 -35.31 19.58 -2.28
C LYS F 60 -35.58 21.03 -2.61
N GLU F 61 -35.44 21.91 -1.64
CA GLU F 61 -35.70 23.33 -1.86
C GLU F 61 -34.45 24.15 -2.18
N ARG F 62 -33.29 23.52 -2.11
CA ARG F 62 -32.02 24.20 -2.41
C ARG F 62 -31.73 24.18 -3.90
N PRO F 63 -30.88 25.11 -4.39
CA PRO F 63 -30.51 25.22 -5.80
C PRO F 63 -29.90 23.95 -6.37
N PHE F 64 -28.88 23.47 -5.69
CA PHE F 64 -28.12 22.27 -6.06
C PHE F 64 -28.85 20.94 -6.14
N PHE F 65 -29.95 20.82 -5.43
CA PHE F 65 -30.73 19.58 -5.44
C PHE F 65 -30.78 18.91 -6.81
N GLY F 66 -31.21 19.68 -7.82
CA GLY F 66 -31.33 19.18 -9.18
C GLY F 66 -30.11 18.47 -9.70
N GLY F 67 -28.94 19.10 -9.52
CA GLY F 67 -27.71 18.48 -9.97
C GLY F 67 -27.36 17.28 -9.12
N LEU F 68 -27.76 17.29 -7.85
CA LEU F 68 -27.48 16.17 -6.96
C LEU F 68 -28.21 14.95 -7.47
N VAL F 69 -29.51 15.10 -7.68
CA VAL F 69 -30.35 14.01 -8.14
C VAL F 69 -29.88 13.51 -9.51
N SER F 70 -29.58 14.44 -10.42
CA SER F 70 -29.14 14.08 -11.76
C SER F 70 -27.83 13.33 -11.80
N PHE F 71 -26.91 13.69 -10.91
CA PHE F 71 -25.63 13.02 -10.92
C PHE F 71 -25.66 11.64 -10.29
N ILE F 72 -26.30 11.54 -9.14
CA ILE F 72 -26.32 10.26 -8.43
C ILE F 72 -27.03 9.19 -9.24
N THR F 73 -27.83 9.62 -10.21
CA THR F 73 -28.55 8.70 -11.07
C THR F 73 -27.87 8.56 -12.46
N SER F 74 -26.78 9.30 -12.66
CA SER F 74 -26.04 9.27 -13.91
C SER F 74 -25.25 7.97 -14.13
N GLY F 75 -25.10 7.18 -13.09
CA GLY F 75 -24.34 5.96 -13.22
C GLY F 75 -24.49 5.08 -12.02
N PRO F 76 -23.74 3.96 -11.96
CA PRO F 76 -23.79 3.01 -10.84
C PRO F 76 -23.22 3.53 -9.55
N VAL F 77 -23.85 3.12 -8.46
CA VAL F 77 -23.46 3.51 -7.13
C VAL F 77 -23.28 2.18 -6.38
N VAL F 78 -22.35 2.17 -5.44
CA VAL F 78 -22.10 0.99 -4.63
C VAL F 78 -22.59 1.43 -3.27
N ALA F 79 -23.77 0.96 -2.91
CA ALA F 79 -24.38 1.28 -1.63
C ALA F 79 -23.89 0.23 -0.65
N MET F 80 -23.75 0.58 0.63
CA MET F 80 -23.30 -0.39 1.62
C MET F 80 -23.61 0.09 3.02
N VAL F 81 -23.73 -0.85 3.95
CA VAL F 81 -24.04 -0.55 5.33
C VAL F 81 -22.99 -1.23 6.24
N PHE F 82 -22.37 -0.44 7.12
CA PHE F 82 -21.37 -0.96 8.05
C PHE F 82 -21.91 -0.88 9.48
N GLU F 83 -21.59 -1.87 10.30
CA GLU F 83 -22.03 -1.92 11.68
C GLU F 83 -20.83 -1.87 12.64
N GLY F 84 -21.00 -1.18 13.76
CA GLY F 84 -19.92 -1.05 14.74
C GLY F 84 -20.17 0.08 15.71
N LYS F 85 -19.33 0.15 16.73
CA LYS F 85 -19.42 1.18 17.75
C LYS F 85 -19.13 2.56 17.20
N GLY F 86 -20.08 3.48 17.34
CA GLY F 86 -19.90 4.84 16.86
C GLY F 86 -19.50 4.96 15.39
N VAL F 87 -20.00 4.04 14.57
CA VAL F 87 -19.70 3.99 13.14
C VAL F 87 -20.17 5.22 12.35
N VAL F 88 -21.31 5.80 12.69
CA VAL F 88 -21.80 6.99 11.95
C VAL F 88 -20.85 8.17 12.03
N ALA F 89 -20.34 8.45 13.23
CA ALA F 89 -19.43 9.57 13.42
C ALA F 89 -18.04 9.22 12.90
N SER F 90 -17.60 7.98 13.15
CA SER F 90 -16.28 7.56 12.68
C SER F 90 -16.28 7.52 11.15
N ALA F 91 -17.36 7.05 10.56
CA ALA F 91 -17.45 6.98 9.12
C ALA F 91 -17.27 8.38 8.54
N ARG F 92 -17.94 9.37 9.11
CA ARG F 92 -17.82 10.75 8.63
C ARG F 92 -16.44 11.33 8.85
N LEU F 93 -15.84 10.99 9.98
CA LEU F 93 -14.50 11.44 10.33
C LEU F 93 -13.51 10.93 9.28
N MET F 94 -13.72 9.68 8.82
CA MET F 94 -12.88 9.03 7.82
C MET F 94 -13.14 9.57 6.42
N ILE F 95 -14.38 9.97 6.14
CA ILE F 95 -14.72 10.52 4.83
C ILE F 95 -14.03 11.86 4.65
N GLY F 96 -14.07 12.72 5.66
CA GLY F 96 -13.46 14.04 5.56
C GLY F 96 -14.56 15.10 5.65
N VAL F 97 -14.38 16.26 5.01
CA VAL F 97 -15.43 17.29 5.04
C VAL F 97 -16.01 17.54 3.65
N THR F 98 -17.11 18.27 3.59
CA THR F 98 -17.78 18.54 2.32
C THR F 98 -16.86 18.89 1.16
N ASN F 99 -15.90 19.77 1.41
CA ASN F 99 -14.97 20.19 0.38
C ASN F 99 -13.72 19.34 0.47
N PRO F 100 -13.50 18.46 -0.53
CA PRO F 100 -12.32 17.60 -0.51
C PRO F 100 -10.99 18.34 -0.48
N LEU F 101 -10.98 19.58 -0.97
CA LEU F 101 -9.76 20.38 -0.96
C LEU F 101 -9.37 20.80 0.46
N ALA F 102 -10.37 20.84 1.34
CA ALA F 102 -10.16 21.27 2.72
C ALA F 102 -10.07 20.04 3.63
N SER F 103 -10.24 18.88 3.02
CA SER F 103 -10.18 17.65 3.78
C SER F 103 -8.72 17.29 4.01
N ALA F 104 -8.42 16.89 5.23
CA ALA F 104 -7.08 16.53 5.63
C ALA F 104 -6.58 15.23 4.99
N PRO F 105 -5.27 15.17 4.72
CA PRO F 105 -4.68 13.98 4.13
C PRO F 105 -4.97 12.85 5.13
N GLY F 106 -5.30 11.67 4.63
CA GLY F 106 -5.61 10.56 5.50
C GLY F 106 -7.06 10.16 5.34
N SER F 107 -7.90 11.14 5.03
CA SER F 107 -9.33 10.89 4.83
C SER F 107 -9.60 10.57 3.36
N ILE F 108 -10.72 9.92 3.08
CA ILE F 108 -11.08 9.54 1.71
C ILE F 108 -11.07 10.73 0.77
N ARG F 109 -11.87 11.74 1.09
CA ARG F 109 -11.93 12.96 0.27
C ARG F 109 -10.59 13.68 0.29
N GLY F 110 -9.95 13.69 1.45
CA GLY F 110 -8.68 14.37 1.55
C GLY F 110 -7.64 13.80 0.61
N ASP F 111 -7.68 12.49 0.40
CA ASP F 111 -6.73 11.79 -0.47
C ASP F 111 -7.04 11.74 -1.95
N PHE F 112 -8.32 11.64 -2.30
CA PHE F 112 -8.77 11.49 -3.69
C PHE F 112 -9.72 12.54 -4.29
N GLY F 113 -10.20 13.49 -3.49
CA GLY F 113 -11.14 14.45 -4.02
C GLY F 113 -10.60 15.84 -4.25
N VAL F 114 -11.19 16.56 -5.20
CA VAL F 114 -10.75 17.90 -5.55
C VAL F 114 -11.93 18.87 -5.76
N ASP F 115 -13.13 18.34 -6.01
CA ASP F 115 -14.31 19.18 -6.23
C ASP F 115 -15.42 18.70 -5.30
N VAL F 116 -16.25 19.64 -4.82
CA VAL F 116 -17.37 19.32 -3.93
C VAL F 116 -18.56 18.63 -4.64
N GLY F 117 -18.68 18.85 -5.95
CA GLY F 117 -19.73 18.23 -6.71
C GLY F 117 -19.34 16.80 -7.04
N ARG F 118 -18.03 16.55 -7.04
CA ARG F 118 -17.49 15.23 -7.31
C ARG F 118 -16.72 14.87 -6.06
N ASN F 119 -17.43 14.67 -4.96
CA ASN F 119 -16.78 14.31 -3.71
C ASN F 119 -16.80 12.83 -3.29
N ILE F 120 -16.73 11.95 -4.28
CA ILE F 120 -16.64 10.51 -4.09
C ILE F 120 -17.62 9.62 -3.31
N ILE F 121 -17.90 10.00 -2.07
CA ILE F 121 -18.71 9.16 -1.19
C ILE F 121 -19.73 9.91 -0.34
N HIS F 122 -20.79 9.20 0.03
CA HIS F 122 -21.81 9.77 0.89
C HIS F 122 -21.85 8.93 2.16
N GLY F 123 -22.07 9.59 3.29
CA GLY F 123 -22.14 8.92 4.57
C GLY F 123 -23.22 9.62 5.38
N SER F 124 -23.98 8.85 6.15
CA SER F 124 -25.03 9.41 6.98
C SER F 124 -24.43 10.38 7.99
N ASP F 125 -25.15 11.45 8.30
CA ASP F 125 -24.65 12.43 9.24
C ASP F 125 -25.10 12.22 10.68
N SER F 126 -25.99 11.24 10.88
CA SER F 126 -26.50 10.94 12.22
C SER F 126 -27.23 9.62 12.23
N VAL F 127 -27.46 9.09 13.42
CA VAL F 127 -28.15 7.81 13.61
C VAL F 127 -29.57 7.88 13.07
N GLU F 128 -30.18 9.05 13.17
CA GLU F 128 -31.55 9.24 12.68
C GLU F 128 -31.61 9.10 11.16
N SER F 129 -30.66 9.75 10.48
CA SER F 129 -30.56 9.72 9.02
C SER F 129 -30.06 8.36 8.53
N ALA F 130 -29.17 7.74 9.31
CA ALA F 130 -28.62 6.45 8.93
C ALA F 130 -29.77 5.48 8.81
N ASN F 131 -30.58 5.41 9.86
CA ASN F 131 -31.72 4.51 9.89
C ASN F 131 -32.71 4.73 8.79
N ARG F 132 -32.86 5.99 8.39
CA ARG F 132 -33.79 6.36 7.33
C ARG F 132 -33.26 5.88 5.99
N GLU F 133 -32.01 6.23 5.71
CA GLU F 133 -31.35 5.88 4.46
C GLU F 133 -31.17 4.38 4.28
N ILE F 134 -30.81 3.68 5.33
CA ILE F 134 -30.65 2.25 5.23
C ILE F 134 -31.94 1.60 4.73
N ALA F 135 -33.07 2.06 5.28
CA ALA F 135 -34.37 1.51 4.91
C ALA F 135 -34.78 1.94 3.52
N LEU F 136 -34.17 3.03 3.04
CA LEU F 136 -34.46 3.57 1.73
C LEU F 136 -33.78 2.76 0.65
N TRP F 137 -32.53 2.38 0.92
CA TRP F 137 -31.70 1.61 -0.02
C TRP F 137 -31.71 0.09 0.13
N PHE F 138 -31.91 -0.40 1.34
CA PHE F 138 -31.88 -1.82 1.56
C PHE F 138 -33.18 -2.43 2.07
N LYS F 139 -33.50 -3.61 1.56
CA LYS F 139 -34.68 -4.35 1.98
C LYS F 139 -34.14 -5.17 3.15
N PRO F 140 -34.97 -5.44 4.15
CA PRO F 140 -34.53 -6.23 5.32
C PRO F 140 -33.82 -7.55 5.00
N GLU F 141 -34.22 -8.20 3.91
CA GLU F 141 -33.62 -9.47 3.52
C GLU F 141 -32.17 -9.33 3.04
N GLU F 142 -31.77 -8.10 2.70
CA GLU F 142 -30.44 -7.80 2.19
C GLU F 142 -29.42 -7.46 3.29
N LEU F 143 -29.88 -7.34 4.53
CA LEU F 143 -29.02 -6.97 5.64
C LEU F 143 -28.79 -8.14 6.55
N LEU F 144 -27.57 -8.30 7.03
CA LEU F 144 -27.21 -9.40 7.94
C LEU F 144 -27.88 -9.18 9.29
N THR F 145 -28.29 -10.27 9.93
CA THR F 145 -28.92 -10.20 11.25
C THR F 145 -27.85 -10.55 12.30
N GLU F 146 -27.26 -11.73 12.14
CA GLU F 146 -26.20 -12.19 13.02
C GLU F 146 -24.91 -11.56 12.52
N VAL F 147 -24.45 -10.52 13.22
CA VAL F 147 -23.23 -9.85 12.81
C VAL F 147 -21.98 -10.34 13.53
N LYS F 148 -21.90 -10.14 14.84
CA LYS F 148 -20.75 -10.61 15.63
C LYS F 148 -19.35 -10.25 15.07
N PRO F 149 -18.75 -9.18 15.60
CA PRO F 149 -17.43 -8.68 15.20
C PRO F 149 -16.24 -9.35 15.90
N ASN F 150 -15.07 -9.18 15.31
CA ASN F 150 -13.81 -9.72 15.83
C ASN F 150 -13.69 -9.39 17.32
N PRO F 151 -13.43 -10.39 18.16
CA PRO F 151 -13.30 -10.18 19.62
C PRO F 151 -12.10 -9.34 20.06
N ASN F 152 -11.16 -9.11 19.14
CA ASN F 152 -9.98 -8.30 19.42
C ASN F 152 -10.28 -6.83 19.19
N LEU F 153 -11.53 -6.56 18.83
CA LEU F 153 -11.97 -5.20 18.57
C LEU F 153 -12.71 -4.62 19.76
N TYR F 154 -13.56 -5.44 20.37
CA TYR F 154 -14.35 -4.98 21.48
C TYR F 154 -14.04 -5.66 22.78
N GLU F 155 -14.13 -4.88 23.87
CA GLU F 155 -13.85 -5.35 25.23
C GLU F 155 -15.08 -6.05 25.80
PB FUP G . -3.13 6.14 26.07
O1B FUP G . -3.57 6.58 24.74
O2B FUP G . -2.97 4.67 26.09
O3B FUP G . -1.97 6.86 26.61
O3A FUP G . -4.32 6.43 27.08
PA FUP G . -4.39 6.44 28.65
O1A FUP G . -3.01 6.66 29.15
O2A FUP G . -5.44 7.40 29.06
O5' FUP G . -4.87 4.95 29.00
C5' FUP G . -3.96 3.91 29.39
C4' FUP G . -4.64 2.59 29.24
O4' FUP G . -6.01 2.73 29.64
C3' FUP G . -4.70 2.22 27.78
F3' FUP G . -3.76 1.19 27.51
C2' FUP G . -6.20 1.99 27.50
C1' FUP G . -6.87 1.87 28.87
N1 FUP G . -8.32 2.30 29.07
C2 FUP G . -9.29 1.38 29.53
O2 FUP G . -9.16 0.17 29.53
N3 FUP G . -10.47 1.86 29.99
C4 FUP G . -10.80 3.21 30.10
O4 FUP G . -11.88 3.53 30.55
C5 FUP G . -9.77 4.13 29.63
C6 FUP G . -8.61 3.65 29.12
P1 POP H . 8.15 -6.24 -28.80
O1 POP H . 7.56 -5.26 -29.74
O2 POP H . 9.62 -6.47 -28.75
O3 POP H . 7.44 -7.66 -29.05
O POP H . 7.67 -5.86 -27.32
P2 POP H . 8.22 -4.70 -26.37
O4 POP H . 7.81 -3.43 -27.01
O5 POP H . 9.70 -4.84 -26.36
O6 POP H . 7.59 -4.93 -25.05
P1 POP I . -11.04 -26.67 -6.86
O1 POP I . -12.22 -26.77 -7.73
O2 POP I . -10.24 -27.89 -6.64
O3 POP I . -11.50 -26.10 -5.41
O POP I . -10.04 -25.50 -7.43
P2 POP I . -10.18 -23.89 -7.65
O4 POP I . -10.98 -23.74 -8.86
O5 POP I . -8.81 -23.38 -7.83
O6 POP I . -10.82 -23.34 -6.44
P1 POP J . 22.84 -20.68 -0.29
O1 POP J . 22.43 -21.88 0.45
O2 POP J . 23.78 -20.83 -1.44
O3 POP J . 23.48 -19.64 0.75
O POP J . 21.51 -19.93 -0.81
P2 POP J . 20.13 -19.50 -0.07
O4 POP J . 20.38 -18.16 0.54
O5 POP J . 19.88 -20.56 0.93
O6 POP J . 19.08 -19.41 -1.10
P1 POP K . 9.65 27.75 5.65
O1 POP K . 8.95 28.73 4.78
O2 POP K . 9.59 27.95 7.13
O3 POP K . 11.21 27.68 5.22
O POP K . 9.10 26.26 5.30
P2 POP K . 8.19 25.72 4.07
O4 POP K . 7.68 26.93 3.41
O5 POP K . 7.14 24.86 4.66
O6 POP K . 9.11 24.97 3.19
P1 POP L . -24.85 15.90 3.62
O1 POP L . -24.37 16.91 4.59
O2 POP L . -25.97 16.26 2.71
O3 POP L . -25.25 14.56 4.41
O POP L . -23.61 15.43 2.70
P2 POP L . -22.02 15.33 3.01
O4 POP L . -21.85 15.81 4.40
O5 POP L . -21.35 16.22 2.05
O6 POP L . -21.66 13.89 2.84
#